data_2FP4
#
_entry.id   2FP4
#
_cell.length_a   132.610
_cell.length_b   132.610
_cell.length_c   72.530
_cell.angle_alpha   90.00
_cell.angle_beta   90.00
_cell.angle_gamma   120.00
#
_symmetry.space_group_name_H-M   'P 65'
#
loop_
_entity.id
_entity.type
_entity.pdbx_description
1 polymer 'Succinyl-CoA ligase [GDP-forming] alpha-chain, mitochondrial'
2 polymer 'Succinyl-CoA ligase [GDP-forming] beta-chain, mitochondrial'
3 non-polymer 'POTASSIUM ION'
4 non-polymer 'MAGNESIUM ION'
5 non-polymer "GUANOSINE-5'-TRIPHOSPHATE"
6 water water
#
loop_
_entity_poly.entity_id
_entity_poly.type
_entity_poly.pdbx_seq_one_letter_code
_entity_poly.pdbx_strand_id
1 'polypeptide(L)'
;SYTASRKHLYVDKNTKVICQGFTGKQGTFHSQQALEYGTNLVGGTTPGKGGKTHLGLPVFNTVKEAKEQTGATASVIYVP
PPFAAAAINEAIDAEVPLVVCITEGIPQQDMVRVKHRLLRQGKTRLIGPNCPGVINPGECKIGIMPGHIHKKGRIGIVSR
SGTLTYEAVHQTTQVGLGQSLCVGIGGDPFNGTDFTDCLEIFLNDPATEGIILIGEIGGNAEENAAEFLKQHNSGPKSKP
VVSFIAGLTAPPGRRMG(NEP)AGAIIAGGKGGAKEKITALQSAGVVVSMSPAQLGTTIYKEFEKRKML
;
A
2 'polypeptide(L)'
;MNLQEYQSKKLMSDNGVKVQRFFVADTANEALEAAKRLNAKEIVLKAQILAGGRGKGVFSSGLKGGVHLTKDPEVVGQLA
KQMIGYNLATKQTPKEGVKVNKVMVAEALDISRETYLAILMDRSCNGPVLVGSPQGGVDIEEVAASNPELIFKEQIDIIE
GIKDSQAQRMAENLGFLGPLQNQAADQIKKLYNLFLKIDATQVEVNPFGETPEGQVVCFDAKINFDDNAEFRQKDIFAMD
DKSENEPIENEAAKYDLKYIGLDGNIACFVNGAGLAMATCDIIFLNGGKPANFLDLGGGVKESQVYQAFKLLTADPKVEA
ILVNIFGGIVNCAIIANGITKACRELELKVPLVVRLEGTNVHEAQNILTNSGLPITSAVDLEDAAKKAVASVTKK
;
B
#
# COMPACT_ATOMS: atom_id res chain seq x y z
N SER A 1 -10.14 -17.06 -19.98
CA SER A 1 -11.38 -16.63 -19.24
C SER A 1 -11.13 -15.15 -19.08
N TYR A 2 -10.67 -14.76 -17.91
CA TYR A 2 -10.38 -13.36 -17.66
C TYR A 2 -9.12 -12.98 -18.44
N THR A 3 -8.16 -13.90 -18.49
CA THR A 3 -6.88 -13.64 -19.17
C THR A 3 -7.17 -13.25 -20.63
N ALA A 4 -8.29 -13.73 -21.12
CA ALA A 4 -8.71 -13.42 -22.47
C ALA A 4 -8.87 -11.92 -22.66
N SER A 5 -9.45 -11.24 -21.65
CA SER A 5 -9.67 -9.79 -21.74
C SER A 5 -8.41 -8.93 -21.66
N ARG A 6 -7.26 -9.56 -21.51
CA ARG A 6 -5.98 -8.85 -21.47
C ARG A 6 -5.82 -7.93 -22.66
N LYS A 7 -6.32 -8.36 -23.83
CA LYS A 7 -6.17 -7.55 -25.04
C LYS A 7 -6.86 -6.20 -24.89
N HIS A 8 -7.92 -6.12 -24.10
CA HIS A 8 -8.61 -4.85 -23.92
C HIS A 8 -7.71 -3.76 -23.33
N LEU A 9 -6.58 -4.15 -22.75
CA LEU A 9 -5.66 -3.18 -22.19
C LEU A 9 -5.07 -2.23 -23.22
N TYR A 10 -4.91 -2.70 -24.46
CA TYR A 10 -4.28 -1.88 -25.51
C TYR A 10 -5.25 -0.92 -26.10
N VAL A 11 -5.48 0.17 -25.40
CA VAL A 11 -6.40 1.15 -25.91
C VAL A 11 -5.77 1.80 -27.12
N ASP A 12 -6.60 2.35 -27.98
CA ASP A 12 -6.07 3.01 -29.16
C ASP A 12 -7.05 4.09 -29.63
N LYS A 13 -6.78 4.64 -30.81
CA LYS A 13 -7.62 5.68 -31.39
C LYS A 13 -9.05 5.25 -31.55
N ASN A 14 -9.29 3.93 -31.65
CA ASN A 14 -10.65 3.47 -31.82
C ASN A 14 -11.39 3.25 -30.53
N THR A 15 -10.68 3.35 -29.40
CA THR A 15 -11.33 3.17 -28.10
C THR A 15 -12.29 4.33 -27.79
N LYS A 16 -13.56 3.99 -27.53
CA LYS A 16 -14.58 4.99 -27.20
C LYS A 16 -14.81 4.91 -25.70
N VAL A 17 -14.58 6.01 -25.03
CA VAL A 17 -14.63 5.98 -23.59
C VAL A 17 -15.81 6.70 -22.96
N ILE A 18 -16.37 6.10 -21.90
CA ILE A 18 -17.40 6.80 -21.17
C ILE A 18 -16.93 6.97 -19.76
N CYS A 19 -17.30 8.09 -19.16
CA CYS A 19 -16.90 8.37 -17.81
C CYS A 19 -18.07 8.05 -16.87
N GLN A 20 -17.84 7.19 -15.88
CA GLN A 20 -18.89 6.90 -14.91
C GLN A 20 -18.76 8.05 -13.92
N GLY A 21 -19.83 8.46 -13.25
CA GLY A 21 -19.71 9.56 -12.30
C GLY A 21 -19.28 10.79 -13.08
N PHE A 22 -19.78 10.86 -14.30
CA PHE A 22 -19.47 11.92 -15.22
C PHE A 22 -19.58 13.35 -14.69
N THR A 23 -20.67 13.68 -14.01
CA THR A 23 -20.89 15.04 -13.52
C THR A 23 -20.22 15.41 -12.23
N GLY A 24 -19.47 14.46 -11.70
CA GLY A 24 -18.74 14.73 -10.46
C GLY A 24 -17.50 15.53 -10.76
N LYS A 25 -16.96 16.11 -9.70
CA LYS A 25 -15.79 16.93 -9.80
C LYS A 25 -14.63 16.29 -10.52
N GLN A 26 -14.32 15.06 -10.14
CA GLN A 26 -13.18 14.36 -10.75
C GLN A 26 -13.49 13.98 -12.16
N GLY A 27 -14.65 13.36 -12.36
CA GLY A 27 -15.06 12.94 -13.68
C GLY A 27 -15.07 14.14 -14.63
N THR A 28 -15.58 15.26 -14.13
CA THR A 28 -15.69 16.49 -14.92
C THR A 28 -14.31 17.02 -15.24
N PHE A 29 -13.46 17.17 -14.23
CA PHE A 29 -12.12 17.69 -14.48
C PHE A 29 -11.32 16.82 -15.43
N HIS A 30 -11.26 15.50 -15.18
CA HIS A 30 -10.48 14.66 -16.07
C HIS A 30 -11.10 14.45 -17.41
N SER A 31 -12.40 14.67 -17.48
CA SER A 31 -13.10 14.51 -18.75
C SER A 31 -12.75 15.69 -19.67
N GLN A 32 -12.72 16.89 -19.13
CA GLN A 32 -12.33 18.02 -19.96
C GLN A 32 -10.94 17.69 -20.54
N GLN A 33 -10.05 17.22 -19.67
CA GLN A 33 -8.69 16.91 -20.08
C GLN A 33 -8.57 15.80 -21.09
N ALA A 34 -9.39 14.79 -20.94
CA ALA A 34 -9.32 13.67 -21.86
C ALA A 34 -9.70 14.26 -23.22
N LEU A 35 -10.74 15.10 -23.20
CA LEU A 35 -11.22 15.73 -24.42
C LEU A 35 -10.10 16.44 -25.13
N GLU A 36 -9.36 17.26 -24.40
CA GLU A 36 -8.27 18.04 -24.98
C GLU A 36 -7.10 17.20 -25.50
N TYR A 37 -6.85 16.09 -24.82
CA TYR A 37 -5.76 15.25 -25.26
C TYR A 37 -6.14 14.60 -26.58
N GLY A 38 -7.45 14.38 -26.76
CA GLY A 38 -7.87 13.70 -27.95
C GLY A 38 -8.42 12.32 -27.65
N THR A 39 -8.81 12.08 -26.40
CA THR A 39 -9.36 10.76 -26.08
C THR A 39 -10.73 10.80 -26.63
N ASN A 40 -11.23 9.65 -27.05
CA ASN A 40 -12.57 9.64 -27.60
C ASN A 40 -13.55 9.43 -26.50
N LEU A 41 -13.64 10.44 -25.66
CA LEU A 41 -14.55 10.47 -24.54
C LEU A 41 -15.91 10.74 -25.19
N VAL A 42 -16.78 9.74 -25.29
CA VAL A 42 -18.04 9.95 -25.98
C VAL A 42 -19.31 10.16 -25.15
N GLY A 43 -19.13 10.37 -23.85
CA GLY A 43 -20.24 10.57 -22.98
C GLY A 43 -19.92 10.02 -21.60
N GLY A 44 -20.90 10.08 -20.72
CA GLY A 44 -20.74 9.61 -19.38
C GLY A 44 -22.09 9.23 -18.84
N THR A 45 -22.04 8.67 -17.65
CA THR A 45 -23.26 8.25 -17.02
C THR A 45 -23.30 8.83 -15.63
N THR A 46 -24.51 9.02 -15.16
CA THR A 46 -24.80 9.47 -13.81
C THR A 46 -26.30 9.19 -13.77
N PRO A 47 -26.78 8.62 -12.65
CA PRO A 47 -28.20 8.28 -12.50
C PRO A 47 -29.13 9.50 -12.59
N GLY A 48 -30.15 9.38 -13.43
CA GLY A 48 -31.10 10.49 -13.51
C GLY A 48 -30.84 11.56 -14.56
N LYS A 49 -29.73 11.45 -15.26
CA LYS A 49 -29.43 12.44 -16.26
C LYS A 49 -29.43 11.97 -17.68
N GLY A 50 -29.95 10.77 -17.87
CA GLY A 50 -30.03 10.22 -19.22
C GLY A 50 -30.76 11.24 -20.09
N GLY A 51 -30.29 11.41 -21.31
CA GLY A 51 -30.96 12.37 -22.20
C GLY A 51 -30.46 13.81 -22.02
N LYS A 52 -29.59 14.03 -21.02
CA LYS A 52 -29.00 15.36 -20.78
C LYS A 52 -27.59 15.33 -21.36
N THR A 53 -26.91 16.47 -21.33
CA THR A 53 -25.53 16.55 -21.81
C THR A 53 -24.75 17.24 -20.71
N HIS A 54 -23.43 17.02 -20.73
CA HIS A 54 -22.48 17.57 -19.77
C HIS A 54 -21.19 17.72 -20.58
N LEU A 55 -20.54 18.88 -20.49
CA LEU A 55 -19.32 19.14 -21.28
C LEU A 55 -19.61 18.88 -22.77
N GLY A 56 -20.86 19.14 -23.19
CA GLY A 56 -21.27 18.91 -24.57
C GLY A 56 -21.32 17.45 -25.00
N LEU A 57 -21.39 16.54 -24.04
CA LEU A 57 -21.45 15.13 -24.38
C LEU A 57 -22.67 14.51 -23.76
N PRO A 58 -23.21 13.47 -24.40
CA PRO A 58 -24.39 12.78 -23.90
C PRO A 58 -24.16 12.09 -22.56
N VAL A 59 -25.20 12.11 -21.75
CA VAL A 59 -25.16 11.48 -20.44
C VAL A 59 -26.21 10.37 -20.48
N PHE A 60 -25.96 9.27 -19.80
CA PHE A 60 -26.92 8.19 -19.78
C PHE A 60 -27.09 7.79 -18.34
N ASN A 61 -28.27 7.25 -18.00
CA ASN A 61 -28.54 6.85 -16.63
C ASN A 61 -27.68 5.70 -16.11
N THR A 62 -27.44 4.74 -16.98
CA THR A 62 -26.69 3.55 -16.65
C THR A 62 -25.60 3.30 -17.68
N VAL A 63 -24.60 2.54 -17.25
CA VAL A 63 -23.49 2.15 -18.09
C VAL A 63 -24.08 1.37 -19.24
N LYS A 64 -25.03 0.48 -18.95
CA LYS A 64 -25.71 -0.32 -19.97
C LYS A 64 -26.12 0.60 -21.10
N GLU A 65 -26.91 1.60 -20.74
CA GLU A 65 -27.38 2.53 -21.73
C GLU A 65 -26.29 3.20 -22.53
N ALA A 66 -25.39 3.87 -21.82
CA ALA A 66 -24.28 4.60 -22.44
C ALA A 66 -23.58 3.73 -23.43
N LYS A 67 -23.31 2.49 -23.03
CA LYS A 67 -22.59 1.58 -23.89
C LYS A 67 -23.35 1.31 -25.18
N GLU A 68 -24.60 0.91 -25.02
CA GLU A 68 -25.44 0.55 -26.15
C GLU A 68 -25.63 1.74 -27.13
N GLN A 69 -25.83 2.91 -26.59
CA GLN A 69 -26.02 4.12 -27.37
C GLN A 69 -24.75 4.69 -28.02
N THR A 70 -23.66 4.68 -27.27
CA THR A 70 -22.41 5.25 -27.80
C THR A 70 -21.49 4.25 -28.42
N GLY A 71 -21.66 2.99 -28.05
CA GLY A 71 -20.74 2.00 -28.57
C GLY A 71 -19.44 2.08 -27.76
N ALA A 72 -19.51 2.61 -26.55
CA ALA A 72 -18.31 2.74 -25.72
C ALA A 72 -17.68 1.37 -25.44
N THR A 73 -16.36 1.27 -25.58
CA THR A 73 -15.69 0.02 -25.29
C THR A 73 -14.82 0.14 -24.03
N ALA A 74 -14.78 1.34 -23.45
CA ALA A 74 -14.01 1.55 -22.23
C ALA A 74 -14.77 2.50 -21.28
N SER A 75 -14.52 2.35 -19.99
CA SER A 75 -15.17 3.16 -18.98
C SER A 75 -14.09 3.61 -18.00
N VAL A 76 -14.25 4.78 -17.38
CA VAL A 76 -13.24 5.22 -16.42
C VAL A 76 -14.07 5.65 -15.22
N ILE A 77 -13.52 5.41 -14.03
CA ILE A 77 -14.19 5.66 -12.75
C ILE A 77 -13.32 6.51 -11.82
N TYR A 78 -13.87 7.64 -11.37
CA TYR A 78 -13.18 8.55 -10.47
C TYR A 78 -14.05 8.69 -9.25
N VAL A 79 -15.10 7.90 -9.18
CA VAL A 79 -16.04 7.96 -8.08
C VAL A 79 -15.40 7.80 -6.71
N PRO A 80 -15.99 8.42 -5.65
CA PRO A 80 -15.39 8.29 -4.31
C PRO A 80 -15.34 6.82 -3.85
N PRO A 81 -14.31 6.46 -3.05
CA PRO A 81 -14.03 5.12 -2.48
C PRO A 81 -15.22 4.25 -2.03
N PRO A 82 -16.18 4.83 -1.27
CA PRO A 82 -17.34 4.03 -0.82
C PRO A 82 -18.22 3.51 -1.95
N PHE A 83 -18.16 4.14 -3.11
CA PHE A 83 -19.05 3.77 -4.22
C PHE A 83 -18.36 3.23 -5.46
N ALA A 84 -17.03 3.23 -5.42
CA ALA A 84 -16.25 2.81 -6.57
C ALA A 84 -16.40 1.34 -6.93
N ALA A 85 -16.43 0.47 -5.93
CA ALA A 85 -16.59 -0.97 -6.17
C ALA A 85 -17.91 -1.21 -6.93
N ALA A 86 -19.01 -0.58 -6.48
CA ALA A 86 -20.28 -0.79 -7.18
C ALA A 86 -20.17 -0.27 -8.62
N ALA A 87 -19.44 0.82 -8.80
CA ALA A 87 -19.25 1.31 -10.18
C ALA A 87 -18.53 0.27 -11.03
N ILE A 88 -17.52 -0.37 -10.47
CA ILE A 88 -16.77 -1.36 -11.23
C ILE A 88 -17.75 -2.46 -11.61
N ASN A 89 -18.46 -2.97 -10.61
CA ASN A 89 -19.45 -4.03 -10.82
C ASN A 89 -20.49 -3.69 -11.88
N GLU A 90 -20.87 -2.42 -11.95
CA GLU A 90 -21.83 -1.99 -12.95
C GLU A 90 -21.20 -2.12 -14.34
N ALA A 91 -19.93 -1.75 -14.46
CA ALA A 91 -19.28 -1.82 -15.75
C ALA A 91 -19.09 -3.29 -16.18
N ILE A 92 -18.77 -4.14 -15.19
CA ILE A 92 -18.58 -5.56 -15.43
C ILE A 92 -19.93 -6.14 -15.86
N ASP A 93 -20.99 -5.68 -15.22
CA ASP A 93 -22.33 -6.14 -15.58
C ASP A 93 -22.68 -5.75 -16.97
N ALA A 94 -22.33 -4.52 -17.35
CA ALA A 94 -22.67 -3.99 -18.69
C ALA A 94 -21.69 -4.53 -19.71
N GLU A 95 -20.74 -5.32 -19.21
CA GLU A 95 -19.73 -5.95 -20.03
C GLU A 95 -18.86 -4.98 -20.84
N VAL A 96 -18.44 -3.89 -20.19
CA VAL A 96 -17.58 -2.94 -20.85
C VAL A 96 -16.25 -3.62 -21.03
N PRO A 97 -15.76 -3.70 -22.26
CA PRO A 97 -14.48 -4.39 -22.45
C PRO A 97 -13.34 -3.97 -21.54
N LEU A 98 -13.22 -2.66 -21.32
CA LEU A 98 -12.14 -2.19 -20.47
C LEU A 98 -12.65 -1.19 -19.45
N VAL A 99 -12.38 -1.44 -18.18
CA VAL A 99 -12.75 -0.49 -17.15
C VAL A 99 -11.48 -0.09 -16.39
N VAL A 100 -11.34 1.22 -16.19
CA VAL A 100 -10.20 1.79 -15.53
C VAL A 100 -10.71 2.46 -14.28
N CYS A 101 -10.26 2.00 -13.13
CA CYS A 101 -10.74 2.61 -11.91
C CYS A 101 -9.59 3.36 -11.27
N ILE A 102 -9.67 4.68 -11.33
CA ILE A 102 -8.61 5.55 -10.81
C ILE A 102 -8.68 5.61 -9.30
N THR A 103 -9.90 5.60 -8.79
CA THR A 103 -10.20 5.76 -7.38
C THR A 103 -9.30 5.08 -6.38
N GLU A 104 -8.72 5.87 -5.49
CA GLU A 104 -7.89 5.35 -4.43
C GLU A 104 -8.78 5.23 -3.18
N GLY A 105 -8.52 4.24 -2.33
CA GLY A 105 -9.30 4.09 -1.11
C GLY A 105 -10.36 3.00 -1.09
N ILE A 106 -10.46 2.20 -2.14
CA ILE A 106 -11.53 1.21 -2.07
C ILE A 106 -11.15 0.16 -1.03
N PRO A 107 -12.08 -0.24 -0.17
CA PRO A 107 -11.74 -1.26 0.84
C PRO A 107 -11.17 -2.48 0.16
N GLN A 108 -10.13 -3.08 0.72
CA GLN A 108 -9.59 -4.26 0.09
C GLN A 108 -10.65 -5.36 -0.06
N GLN A 109 -11.50 -5.52 0.96
CA GLN A 109 -12.48 -6.56 0.85
C GLN A 109 -13.44 -6.35 -0.36
N ASP A 110 -13.78 -5.10 -0.68
CA ASP A 110 -14.63 -4.82 -1.84
C ASP A 110 -13.86 -5.31 -3.09
N MET A 111 -12.57 -5.01 -3.16
CA MET A 111 -11.81 -5.43 -4.34
C MET A 111 -11.70 -6.96 -4.42
N VAL A 112 -11.58 -7.63 -3.28
CA VAL A 112 -11.51 -9.08 -3.25
C VAL A 112 -12.81 -9.60 -3.89
N ARG A 113 -13.92 -8.97 -3.60
CA ARG A 113 -15.20 -9.39 -4.18
C ARG A 113 -15.27 -9.04 -5.68
N VAL A 114 -14.77 -7.88 -6.04
CA VAL A 114 -14.77 -7.51 -7.44
C VAL A 114 -13.86 -8.51 -8.16
N LYS A 115 -12.71 -8.84 -7.57
CA LYS A 115 -11.81 -9.79 -8.24
C LYS A 115 -12.53 -11.13 -8.46
N HIS A 116 -13.28 -11.59 -7.45
CA HIS A 116 -14.02 -12.86 -7.56
C HIS A 116 -14.91 -12.86 -8.78
N ARG A 117 -15.62 -11.77 -8.94
CA ARG A 117 -16.50 -11.49 -10.05
C ARG A 117 -15.70 -11.46 -11.38
N LEU A 118 -14.67 -10.62 -11.43
CA LEU A 118 -13.82 -10.45 -12.60
C LEU A 118 -13.23 -11.74 -13.21
N LEU A 119 -12.75 -12.62 -12.33
CA LEU A 119 -12.10 -13.84 -12.77
C LEU A 119 -13.05 -14.89 -13.32
N ARG A 120 -14.33 -14.72 -13.07
CA ARG A 120 -15.29 -15.69 -13.56
C ARG A 120 -15.99 -15.20 -14.80
N GLN A 121 -15.43 -14.18 -15.46
CA GLN A 121 -15.96 -13.66 -16.72
C GLN A 121 -14.80 -13.28 -17.63
N GLY A 122 -15.07 -13.10 -18.91
CA GLY A 122 -14.00 -12.80 -19.86
C GLY A 122 -14.28 -11.59 -20.74
N LYS A 123 -15.36 -10.90 -20.42
CA LYS A 123 -15.74 -9.74 -21.17
C LYS A 123 -15.07 -8.44 -20.73
N THR A 124 -14.93 -8.27 -19.43
CA THR A 124 -14.40 -7.03 -18.88
C THR A 124 -13.02 -7.14 -18.29
N ARG A 125 -12.16 -6.24 -18.72
CA ARG A 125 -10.79 -6.18 -18.20
C ARG A 125 -10.76 -4.97 -17.28
N LEU A 126 -10.30 -5.16 -16.05
CA LEU A 126 -10.21 -4.04 -15.13
C LEU A 126 -8.76 -3.62 -14.91
N ILE A 127 -8.54 -2.31 -15.02
CA ILE A 127 -7.21 -1.77 -14.72
C ILE A 127 -7.48 -1.00 -13.41
N GLY A 128 -6.72 -1.23 -12.35
CA GLY A 128 -6.94 -0.55 -11.08
C GLY A 128 -7.42 -1.51 -9.99
N PRO A 129 -7.93 -0.97 -8.86
CA PRO A 129 -8.06 0.47 -8.65
C PRO A 129 -6.80 1.23 -8.18
N ASN A 130 -7.00 2.43 -7.63
CA ASN A 130 -5.90 3.28 -7.14
C ASN A 130 -4.77 3.39 -8.19
N CYS A 131 -5.10 3.82 -9.40
CA CYS A 131 -4.07 3.83 -10.43
C CYS A 131 -4.25 5.04 -11.28
N PRO A 132 -3.22 5.38 -12.08
CA PRO A 132 -3.28 6.56 -12.94
C PRO A 132 -3.95 6.30 -14.28
N GLY A 133 -4.12 5.00 -14.58
CA GLY A 133 -4.79 4.62 -15.80
C GLY A 133 -3.87 4.10 -16.89
N VAL A 134 -4.28 4.26 -18.14
CA VAL A 134 -3.51 3.73 -19.25
C VAL A 134 -3.44 4.75 -20.39
N ILE A 135 -2.35 4.74 -21.12
CA ILE A 135 -2.24 5.66 -22.24
C ILE A 135 -1.47 5.02 -23.37
N ASN A 136 -1.99 5.19 -24.60
CA ASN A 136 -1.36 4.79 -25.86
C ASN A 136 -1.05 6.26 -26.33
N PRO A 137 0.19 6.76 -26.15
CA PRO A 137 0.49 8.18 -26.54
C PRO A 137 0.01 8.56 -27.92
N GLY A 138 -0.62 9.74 -28.00
CA GLY A 138 -1.18 10.23 -29.26
C GLY A 138 -2.44 9.48 -29.70
N GLU A 139 -2.86 8.45 -28.98
CA GLU A 139 -4.05 7.71 -29.45
C GLU A 139 -5.23 7.61 -28.49
N CYS A 140 -4.93 7.37 -27.22
CA CYS A 140 -5.98 7.23 -26.24
C CYS A 140 -5.38 7.36 -24.83
N LYS A 141 -5.97 8.24 -24.01
CA LYS A 141 -5.54 8.43 -22.65
C LYS A 141 -6.78 8.25 -21.77
N ILE A 142 -6.69 7.29 -20.84
CA ILE A 142 -7.76 7.03 -19.90
C ILE A 142 -7.12 7.08 -18.52
N GLY A 143 -7.37 8.16 -17.80
CA GLY A 143 -6.82 8.31 -16.47
C GLY A 143 -6.32 9.72 -16.21
N ILE A 144 -5.44 9.80 -15.24
CA ILE A 144 -4.96 11.10 -14.80
C ILE A 144 -3.51 11.44 -15.14
N MET A 145 -2.81 10.63 -15.92
CA MET A 145 -1.43 10.97 -16.22
C MET A 145 -1.37 12.21 -17.12
N PRO A 146 -0.29 13.01 -17.02
CA PRO A 146 -0.14 14.20 -17.85
C PRO A 146 0.17 13.73 -19.27
N GLY A 147 -0.74 14.01 -20.20
CA GLY A 147 -0.54 13.56 -21.57
C GLY A 147 0.70 14.04 -22.31
N HIS A 148 1.07 15.29 -22.08
CA HIS A 148 2.18 15.92 -22.79
C HIS A 148 3.54 15.33 -22.62
N ILE A 149 3.82 14.68 -21.50
CA ILE A 149 5.12 14.09 -21.34
C ILE A 149 5.25 12.79 -22.13
N HIS A 150 4.13 12.23 -22.58
CA HIS A 150 4.20 10.99 -23.35
C HIS A 150 4.35 11.23 -24.82
N LYS A 151 5.21 10.42 -25.42
CA LYS A 151 5.51 10.48 -26.80
C LYS A 151 5.42 9.07 -27.37
N LYS A 152 4.55 8.88 -28.35
CA LYS A 152 4.43 7.59 -28.99
C LYS A 152 5.82 7.00 -29.32
N GLY A 153 6.05 5.75 -28.90
CA GLY A 153 7.34 5.18 -29.14
C GLY A 153 7.41 3.68 -28.96
N ARG A 154 8.58 3.22 -28.58
CA ARG A 154 8.90 1.79 -28.54
C ARG A 154 8.94 1.10 -27.18
N ILE A 155 8.74 1.83 -26.09
CA ILE A 155 8.83 1.23 -24.76
C ILE A 155 7.49 0.96 -24.12
N GLY A 156 7.29 -0.29 -23.65
CA GLY A 156 6.03 -0.60 -22.99
C GLY A 156 6.32 -0.36 -21.50
N ILE A 157 5.42 0.33 -20.80
CA ILE A 157 5.66 0.62 -19.41
C ILE A 157 4.53 0.10 -18.56
N VAL A 158 4.89 -0.61 -17.50
CA VAL A 158 3.88 -1.07 -16.59
C VAL A 158 4.42 -0.71 -15.21
N SER A 159 3.57 -0.15 -14.39
CA SER A 159 4.04 0.34 -13.13
C SER A 159 3.00 0.31 -12.01
N ARG A 160 3.45 0.06 -10.76
CA ARG A 160 2.53 0.10 -9.60
C ARG A 160 2.39 1.54 -9.05
N SER A 161 3.12 2.50 -9.62
CA SER A 161 3.00 3.83 -9.12
C SER A 161 2.49 4.87 -10.13
N GLY A 162 2.20 6.06 -9.63
CA GLY A 162 1.68 7.10 -10.50
C GLY A 162 2.81 7.98 -10.98
N THR A 163 3.17 8.96 -10.15
CA THR A 163 4.22 9.88 -10.50
C THR A 163 5.56 9.31 -10.79
N LEU A 164 5.91 8.18 -10.14
CA LEU A 164 7.20 7.60 -10.47
C LEU A 164 7.16 7.13 -11.95
N THR A 165 5.99 6.78 -12.42
CA THR A 165 5.80 6.32 -13.81
C THR A 165 6.09 7.55 -14.68
N TYR A 166 5.54 8.70 -14.31
CA TYR A 166 5.78 9.94 -15.06
C TYR A 166 7.30 10.19 -15.25
N GLU A 167 8.11 10.00 -14.19
CA GLU A 167 9.59 10.20 -14.24
C GLU A 167 10.16 9.36 -15.37
N ALA A 168 9.74 8.10 -15.35
CA ALA A 168 10.18 7.09 -16.31
C ALA A 168 9.73 7.45 -17.71
N VAL A 169 8.48 7.89 -17.85
CA VAL A 169 8.01 8.29 -19.17
C VAL A 169 8.92 9.46 -19.61
N HIS A 170 9.07 10.46 -18.74
CA HIS A 170 9.86 11.61 -19.06
C HIS A 170 11.28 11.21 -19.42
N GLN A 171 11.87 10.33 -18.64
CA GLN A 171 13.22 9.91 -18.94
C GLN A 171 13.33 9.28 -20.30
N THR A 172 12.35 8.45 -20.65
CA THR A 172 12.42 7.78 -21.93
C THR A 172 12.27 8.75 -23.08
N THR A 173 11.52 9.86 -22.90
CA THR A 173 11.39 10.85 -23.99
C THR A 173 12.66 11.68 -24.04
N GLN A 174 13.26 11.99 -22.91
CA GLN A 174 14.49 12.74 -22.96
C GLN A 174 15.59 11.97 -23.71
N VAL A 175 15.59 10.63 -23.65
CA VAL A 175 16.60 9.87 -24.39
C VAL A 175 16.08 9.53 -25.80
N GLY A 176 14.91 10.06 -26.13
CA GLY A 176 14.30 9.88 -27.44
C GLY A 176 13.65 8.57 -27.82
N LEU A 177 13.24 7.76 -26.85
CA LEU A 177 12.68 6.45 -27.18
C LEU A 177 11.18 6.30 -27.27
N GLY A 178 10.44 7.08 -26.48
CA GLY A 178 8.96 6.99 -26.51
C GLY A 178 8.34 5.72 -25.88
N GLN A 179 7.03 5.74 -25.77
CA GLN A 179 6.29 4.63 -25.18
C GLN A 179 5.28 4.09 -26.15
N SER A 180 5.16 2.76 -26.20
CA SER A 180 4.19 2.12 -27.05
C SER A 180 2.82 2.19 -26.33
N LEU A 181 2.85 1.78 -25.05
CA LEU A 181 1.67 1.76 -24.22
C LEU A 181 2.13 1.83 -22.76
N CYS A 182 1.42 2.59 -21.96
CA CYS A 182 1.81 2.73 -20.57
C CYS A 182 0.61 2.36 -19.76
N VAL A 183 0.81 1.40 -18.84
CA VAL A 183 -0.27 0.94 -17.99
C VAL A 183 0.09 1.08 -16.51
N GLY A 184 -0.66 1.90 -15.82
CA GLY A 184 -0.43 2.01 -14.40
C GLY A 184 -1.39 1.01 -13.75
N ILE A 185 -0.89 -0.08 -13.18
CA ILE A 185 -1.83 -1.02 -12.58
C ILE A 185 -2.28 -0.66 -11.15
N GLY A 186 -1.71 0.39 -10.58
CA GLY A 186 -2.15 0.87 -9.27
C GLY A 186 -1.34 0.41 -8.07
N GLY A 187 -1.57 1.06 -6.93
CA GLY A 187 -0.83 0.74 -5.73
C GLY A 187 -1.59 -0.08 -4.72
N ASP A 188 -2.71 -0.66 -5.14
CA ASP A 188 -3.51 -1.49 -4.26
C ASP A 188 -3.10 -2.95 -4.31
N PRO A 189 -3.28 -3.66 -3.19
CA PRO A 189 -2.93 -5.08 -3.16
C PRO A 189 -3.85 -5.96 -4.06
N PHE A 190 -5.11 -5.61 -4.24
CA PHE A 190 -5.98 -6.44 -5.09
C PHE A 190 -6.46 -5.55 -6.21
N ASN A 191 -6.13 -5.95 -7.44
CA ASN A 191 -6.51 -5.12 -8.55
C ASN A 191 -6.86 -6.00 -9.75
N GLY A 192 -7.31 -5.40 -10.85
CA GLY A 192 -7.71 -6.17 -12.02
C GLY A 192 -6.64 -6.56 -13.00
N THR A 193 -5.46 -5.97 -12.95
CA THR A 193 -4.41 -6.25 -13.92
C THR A 193 -3.04 -6.25 -13.23
N ASP A 194 -2.25 -7.28 -13.43
CA ASP A 194 -0.96 -7.34 -12.76
C ASP A 194 0.19 -7.12 -13.75
N PHE A 195 1.43 -7.27 -13.33
CA PHE A 195 2.55 -7.06 -14.25
C PHE A 195 2.52 -8.01 -15.43
N THR A 196 2.32 -9.29 -15.10
CA THR A 196 2.31 -10.31 -16.11
C THR A 196 1.29 -10.05 -17.18
N ASP A 197 0.11 -9.57 -16.81
CA ASP A 197 -0.92 -9.23 -17.79
C ASP A 197 -0.36 -8.27 -18.81
N CYS A 198 0.36 -7.27 -18.35
CA CYS A 198 0.91 -6.30 -19.28
C CYS A 198 2.10 -6.81 -20.06
N LEU A 199 2.98 -7.53 -19.39
CA LEU A 199 4.15 -8.09 -20.02
C LEU A 199 3.73 -8.99 -21.19
N GLU A 200 2.67 -9.75 -20.98
CA GLU A 200 2.14 -10.60 -22.03
C GLU A 200 1.80 -9.74 -23.26
N ILE A 201 1.12 -8.62 -23.04
CA ILE A 201 0.75 -7.76 -24.14
C ILE A 201 2.02 -7.16 -24.77
N PHE A 202 2.89 -6.66 -23.93
CA PHE A 202 4.13 -6.07 -24.42
C PHE A 202 4.98 -7.06 -25.23
N LEU A 203 5.09 -8.31 -24.75
CA LEU A 203 5.92 -9.29 -25.43
C LEU A 203 5.44 -9.60 -26.81
N ASN A 204 4.13 -9.59 -27.00
CA ASN A 204 3.56 -9.90 -28.29
C ASN A 204 3.20 -8.71 -29.14
N ASP A 205 3.52 -7.51 -28.66
CA ASP A 205 3.23 -6.29 -29.42
C ASP A 205 4.43 -5.93 -30.24
N PRO A 206 4.31 -5.99 -31.56
CA PRO A 206 5.48 -5.65 -32.40
C PRO A 206 6.00 -4.23 -32.14
N ALA A 207 5.09 -3.31 -31.84
CA ALA A 207 5.48 -1.93 -31.58
C ALA A 207 6.21 -1.75 -30.23
N THR A 208 6.22 -2.78 -29.39
CA THR A 208 6.93 -2.65 -28.13
C THR A 208 8.21 -3.39 -28.29
N GLU A 209 9.32 -2.69 -28.26
CA GLU A 209 10.62 -3.31 -28.47
C GLU A 209 11.41 -3.47 -27.18
N GLY A 210 11.01 -2.71 -26.16
CA GLY A 210 11.68 -2.77 -24.87
C GLY A 210 10.62 -2.52 -23.84
N ILE A 211 10.90 -2.91 -22.60
CA ILE A 211 9.92 -2.77 -21.54
C ILE A 211 10.53 -2.16 -20.29
N ILE A 212 9.74 -1.35 -19.61
CA ILE A 212 10.17 -0.81 -18.32
C ILE A 212 9.13 -1.27 -17.34
N LEU A 213 9.58 -1.91 -16.25
CA LEU A 213 8.64 -2.36 -15.26
C LEU A 213 9.03 -1.65 -14.01
N ILE A 214 8.09 -0.90 -13.47
CA ILE A 214 8.33 -0.16 -12.24
C ILE A 214 7.53 -0.81 -11.12
N GLY A 215 8.24 -1.22 -10.09
CA GLY A 215 7.56 -1.85 -8.99
C GLY A 215 7.96 -1.21 -7.68
N GLU A 216 7.60 -1.91 -6.60
CA GLU A 216 7.86 -1.42 -5.28
C GLU A 216 7.65 -2.56 -4.27
N ILE A 217 7.82 -2.22 -3.01
CA ILE A 217 7.67 -3.23 -1.98
C ILE A 217 6.24 -3.71 -1.92
N GLY A 218 6.05 -4.84 -1.25
CA GLY A 218 4.71 -5.38 -1.02
C GLY A 218 4.29 -6.37 -2.07
N GLY A 219 3.66 -7.44 -1.60
CA GLY A 219 3.14 -8.47 -2.50
C GLY A 219 4.21 -9.26 -3.21
N ASN A 220 3.81 -9.96 -4.26
CA ASN A 220 4.80 -10.73 -4.98
C ASN A 220 4.53 -10.69 -6.47
N ALA A 221 3.91 -9.59 -6.91
CA ALA A 221 3.61 -9.46 -8.31
C ALA A 221 4.96 -9.32 -9.08
N GLU A 222 5.97 -8.69 -8.48
CA GLU A 222 7.26 -8.50 -9.18
C GLU A 222 7.92 -9.86 -9.41
N GLU A 223 7.82 -10.72 -8.40
CA GLU A 223 8.36 -12.08 -8.43
C GLU A 223 7.64 -12.92 -9.49
N ASN A 224 6.32 -12.80 -9.57
CA ASN A 224 5.57 -13.51 -10.56
C ASN A 224 5.99 -13.03 -11.95
N ALA A 225 6.22 -11.72 -12.09
CA ALA A 225 6.61 -11.12 -13.35
C ALA A 225 7.97 -11.67 -13.74
N ALA A 226 8.85 -11.76 -12.77
CA ALA A 226 10.18 -12.30 -13.02
C ALA A 226 10.02 -13.73 -13.56
N GLU A 227 9.23 -14.54 -12.86
CA GLU A 227 9.03 -15.92 -13.32
C GLU A 227 8.50 -15.93 -14.76
N PHE A 228 7.55 -15.04 -15.03
CA PHE A 228 6.99 -14.99 -16.34
C PHE A 228 8.04 -14.64 -17.40
N LEU A 229 8.85 -13.60 -17.17
CA LEU A 229 9.84 -13.18 -18.14
C LEU A 229 10.95 -14.24 -18.31
N LYS A 230 11.20 -15.00 -17.28
CA LYS A 230 12.22 -16.01 -17.37
C LYS A 230 11.79 -17.05 -18.39
N GLN A 231 10.51 -17.37 -18.41
CA GLN A 231 9.97 -18.34 -19.35
C GLN A 231 9.59 -17.76 -20.69
N HIS A 232 8.91 -16.62 -20.68
CA HIS A 232 8.47 -16.07 -21.93
C HIS A 232 9.36 -15.08 -22.63
N ASN A 233 10.39 -14.59 -21.95
CA ASN A 233 11.24 -13.57 -22.59
C ASN A 233 12.67 -14.03 -22.71
N SER A 234 12.80 -15.34 -22.93
CA SER A 234 14.11 -15.93 -23.11
C SER A 234 14.20 -16.24 -24.59
N GLY A 235 15.39 -16.50 -25.06
CA GLY A 235 15.44 -16.78 -26.47
C GLY A 235 16.08 -15.65 -27.22
N PRO A 236 16.49 -15.95 -28.46
CA PRO A 236 17.16 -15.05 -29.39
C PRO A 236 16.44 -13.74 -29.57
N LYS A 237 15.12 -13.79 -29.53
CA LYS A 237 14.39 -12.57 -29.75
C LYS A 237 13.80 -11.93 -28.50
N SER A 238 14.42 -12.17 -27.36
CA SER A 238 13.87 -11.58 -26.14
C SER A 238 13.95 -10.06 -26.23
N LYS A 239 12.98 -9.38 -25.63
CA LYS A 239 13.01 -7.92 -25.64
C LYS A 239 13.70 -7.46 -24.37
N PRO A 240 14.49 -6.37 -24.45
CA PRO A 240 15.16 -5.89 -23.23
C PRO A 240 14.10 -5.37 -22.25
N VAL A 241 14.30 -5.68 -20.98
CA VAL A 241 13.38 -5.25 -19.94
C VAL A 241 14.24 -4.58 -18.90
N VAL A 242 13.80 -3.40 -18.50
CA VAL A 242 14.52 -2.61 -17.54
C VAL A 242 13.54 -2.33 -16.41
N SER A 243 14.06 -2.29 -15.20
CA SER A 243 13.17 -2.10 -14.09
C SER A 243 13.75 -1.28 -12.95
N PHE A 244 12.85 -0.70 -12.15
CA PHE A 244 13.29 -0.06 -10.94
C PHE A 244 12.23 -0.51 -9.92
N ILE A 245 12.69 -0.92 -8.75
CA ILE A 245 11.78 -1.34 -7.73
C ILE A 245 11.96 -0.35 -6.60
N ALA A 246 10.91 0.40 -6.29
CA ALA A 246 10.97 1.37 -5.19
C ALA A 246 10.84 0.71 -3.78
N GLY A 247 11.48 1.35 -2.78
CA GLY A 247 11.39 0.93 -1.37
C GLY A 247 12.57 0.22 -0.75
N LEU A 248 13.73 0.37 -1.38
CA LEU A 248 14.92 -0.27 -0.87
C LEU A 248 15.22 0.26 0.52
N THR A 249 14.81 1.49 0.82
CA THR A 249 15.05 2.10 2.13
C THR A 249 13.78 2.15 2.96
N ALA A 250 12.72 1.51 2.49
CA ALA A 250 11.47 1.54 3.23
C ALA A 250 11.60 0.70 4.51
N PRO A 251 11.03 1.16 5.60
CA PRO A 251 11.17 0.30 6.77
C PRO A 251 10.09 -0.77 6.74
N PRO A 252 10.34 -1.91 7.39
CA PRO A 252 9.40 -3.02 7.45
C PRO A 252 8.15 -2.61 8.24
N GLY A 253 7.02 -3.21 7.91
CA GLY A 253 5.80 -2.96 8.68
C GLY A 253 5.10 -1.64 8.54
N ARG A 254 5.53 -0.81 7.60
CA ARG A 254 4.88 0.46 7.42
C ARG A 254 4.26 0.56 6.02
N ARG A 255 3.04 1.02 5.97
CA ARG A 255 2.40 1.27 4.72
C ARG A 255 3.17 2.47 4.10
N MET A 256 3.77 2.28 2.92
CA MET A 256 4.51 3.39 2.33
C MET A 256 3.67 4.17 1.33
N GLY A 257 2.65 4.87 1.84
CA GLY A 257 1.80 5.64 0.97
C GLY A 257 0.77 4.77 0.30
N ALA A 259 -1.49 1.65 -0.50
CA ALA A 259 -2.05 0.64 0.34
C ALA A 259 -1.30 -0.66 0.17
N GLY A 260 -0.78 -0.95 -1.02
CA GLY A 260 -0.06 -2.23 -1.19
C GLY A 260 1.44 -2.19 -0.92
N ALA A 261 1.97 -1.04 -0.56
CA ALA A 261 3.40 -0.96 -0.36
C ALA A 261 3.76 -1.13 1.11
N ILE A 262 3.85 -2.38 1.51
CA ILE A 262 4.21 -2.66 2.88
C ILE A 262 4.92 -3.97 2.90
N ILE A 263 5.97 -4.01 3.71
CA ILE A 263 6.74 -5.23 3.90
C ILE A 263 6.10 -5.80 5.16
N ALA A 264 5.46 -6.96 5.05
CA ALA A 264 4.82 -7.48 6.24
C ALA A 264 5.22 -8.94 6.42
N GLY A 265 5.27 -9.39 7.67
CA GLY A 265 5.65 -10.77 7.94
C GLY A 265 6.87 -11.19 7.14
N GLY A 266 7.81 -10.28 6.97
CA GLY A 266 9.01 -10.60 6.23
C GLY A 266 8.81 -10.73 4.74
N LYS A 267 7.63 -10.38 4.25
CA LYS A 267 7.49 -10.53 2.80
C LYS A 267 7.28 -9.18 2.11
N GLY A 268 7.75 -9.07 0.86
CA GLY A 268 7.54 -7.87 0.08
C GLY A 268 8.69 -6.90 -0.03
N GLY A 269 9.85 -7.29 0.52
CA GLY A 269 11.03 -6.46 0.45
C GLY A 269 11.48 -6.20 -0.99
N ALA A 270 12.11 -5.06 -1.22
CA ALA A 270 12.55 -4.69 -2.56
C ALA A 270 13.70 -5.50 -3.16
N LYS A 271 14.70 -5.80 -2.32
CA LYS A 271 15.89 -6.50 -2.75
C LYS A 271 15.58 -7.82 -3.44
N GLU A 272 14.73 -8.61 -2.80
CA GLU A 272 14.34 -9.90 -3.32
C GLU A 272 13.67 -9.73 -4.68
N LYS A 273 12.91 -8.65 -4.82
CA LYS A 273 12.22 -8.41 -6.08
C LYS A 273 13.26 -8.11 -7.18
N ILE A 274 14.25 -7.30 -6.86
CA ILE A 274 15.30 -6.95 -7.80
C ILE A 274 16.10 -8.19 -8.25
N THR A 275 16.46 -8.99 -7.25
CA THR A 275 17.19 -10.21 -7.45
C THR A 275 16.39 -11.12 -8.37
N ALA A 276 15.10 -11.27 -8.07
CA ALA A 276 14.27 -12.16 -8.88
C ALA A 276 14.25 -11.67 -10.31
N LEU A 277 14.00 -10.38 -10.49
CA LEU A 277 13.93 -9.84 -11.85
C LEU A 277 15.25 -10.00 -12.55
N GLN A 278 16.34 -9.77 -11.81
CA GLN A 278 17.64 -9.91 -12.43
C GLN A 278 17.85 -11.33 -12.98
N SER A 279 17.49 -12.34 -12.19
CA SER A 279 17.67 -13.73 -12.61
C SER A 279 16.86 -13.98 -13.86
N ALA A 280 15.83 -13.19 -14.10
CA ALA A 280 15.02 -13.33 -15.29
C ALA A 280 15.62 -12.51 -16.42
N GLY A 281 16.82 -11.98 -16.22
CA GLY A 281 17.46 -11.21 -17.30
C GLY A 281 17.03 -9.76 -17.42
N VAL A 282 16.24 -9.29 -16.46
CA VAL A 282 15.80 -7.89 -16.44
C VAL A 282 17.00 -7.06 -15.95
N VAL A 283 17.27 -5.94 -16.62
CA VAL A 283 18.36 -5.07 -16.21
C VAL A 283 17.76 -4.06 -15.22
N VAL A 284 18.16 -4.16 -13.97
CA VAL A 284 17.54 -3.29 -12.99
C VAL A 284 18.36 -2.03 -12.78
N SER A 285 17.72 -0.90 -12.98
CA SER A 285 18.40 0.34 -12.76
C SER A 285 18.39 0.55 -11.26
N MET A 286 19.57 0.63 -10.68
CA MET A 286 19.59 0.85 -9.23
C MET A 286 19.04 2.25 -8.92
N SER A 287 19.28 3.21 -9.82
CA SER A 287 18.76 4.55 -9.58
C SER A 287 17.48 4.81 -10.36
N PRO A 288 16.47 5.37 -9.66
CA PRO A 288 15.20 5.68 -10.33
C PRO A 288 15.34 6.82 -11.35
N ALA A 289 16.49 7.48 -11.34
CA ALA A 289 16.72 8.56 -12.30
C ALA A 289 17.31 8.00 -13.59
N GLN A 290 17.75 6.74 -13.56
CA GLN A 290 18.40 6.19 -14.73
C GLN A 290 17.66 5.12 -15.52
N LEU A 291 16.34 5.15 -15.49
CA LEU A 291 15.60 4.18 -16.27
C LEU A 291 15.75 4.44 -17.78
N GLY A 292 15.61 5.71 -18.16
CA GLY A 292 15.73 6.08 -19.56
C GLY A 292 17.11 5.76 -20.08
N THR A 293 18.15 6.17 -19.35
CA THR A 293 19.49 5.89 -19.82
C THR A 293 19.83 4.39 -19.76
N THR A 294 19.23 3.65 -18.85
CA THR A 294 19.55 2.24 -18.80
C THR A 294 18.89 1.54 -19.97
N ILE A 295 17.62 1.82 -20.21
CA ILE A 295 17.01 1.15 -21.33
C ILE A 295 17.63 1.58 -22.66
N TYR A 296 18.04 2.84 -22.75
CA TYR A 296 18.68 3.33 -23.95
C TYR A 296 19.97 2.54 -24.20
N LYS A 297 20.77 2.36 -23.17
CA LYS A 297 22.00 1.56 -23.30
C LYS A 297 21.67 0.11 -23.75
N GLU A 298 20.57 -0.43 -23.25
CA GLU A 298 20.19 -1.79 -23.64
C GLU A 298 19.85 -1.85 -25.11
N PHE A 299 19.17 -0.84 -25.61
CA PHE A 299 18.81 -0.80 -27.04
C PHE A 299 20.11 -0.69 -27.82
N GLU A 300 20.97 0.20 -27.35
CA GLU A 300 22.28 0.44 -27.92
C GLU A 300 23.09 -0.85 -28.00
N LYS A 301 23.23 -1.55 -26.88
CA LYS A 301 24.00 -2.79 -26.88
C LYS A 301 23.45 -3.74 -27.92
N ARG A 302 22.15 -3.73 -28.14
CA ARG A 302 21.57 -4.65 -29.09
C ARG A 302 21.44 -4.05 -30.47
N LYS A 303 22.08 -2.89 -30.68
CA LYS A 303 22.01 -2.21 -31.95
C LYS A 303 20.55 -2.10 -32.37
N MET A 304 19.71 -1.59 -31.48
CA MET A 304 18.29 -1.42 -31.78
C MET A 304 18.02 0.05 -31.85
N LEU A 305 19.03 0.85 -31.49
CA LEU A 305 18.90 2.29 -31.49
C LEU A 305 18.60 2.84 -32.88
N MET B 1 -4.30 -0.11 9.90
CA MET B 1 -4.32 0.40 11.29
C MET B 1 -4.35 -0.77 12.28
N ASN B 2 -3.61 -0.64 13.39
CA ASN B 2 -3.66 -1.64 14.46
C ASN B 2 -4.15 -0.95 15.73
N LEU B 3 -4.92 -1.70 16.53
CA LEU B 3 -5.48 -1.25 17.81
C LEU B 3 -4.68 -2.01 18.84
N GLN B 4 -4.80 -1.58 20.09
CA GLN B 4 -4.11 -2.23 21.18
C GLN B 4 -4.74 -3.60 21.38
N GLU B 5 -3.96 -4.50 21.98
CA GLU B 5 -4.42 -5.85 22.25
C GLU B 5 -5.74 -5.87 23.04
N TYR B 6 -5.88 -5.04 24.08
CA TYR B 6 -7.13 -5.07 24.83
C TYR B 6 -8.34 -4.66 24.03
N GLN B 7 -8.14 -3.86 22.99
CA GLN B 7 -9.24 -3.39 22.16
C GLN B 7 -9.61 -4.51 21.19
N SER B 8 -8.59 -5.16 20.66
CA SER B 8 -8.80 -6.26 19.72
C SER B 8 -9.45 -7.42 20.42
N LYS B 9 -9.04 -7.69 21.65
CA LYS B 9 -9.59 -8.84 22.39
C LYS B 9 -11.06 -8.59 22.71
N LYS B 10 -11.43 -7.35 23.03
CA LYS B 10 -12.86 -7.01 23.28
C LYS B 10 -13.67 -7.21 21.98
N LEU B 11 -13.14 -6.73 20.86
CA LEU B 11 -13.85 -6.93 19.59
C LEU B 11 -14.08 -8.44 19.33
N MET B 12 -13.06 -9.25 19.57
CA MET B 12 -13.19 -10.67 19.35
C MET B 12 -14.26 -11.23 20.33
N SER B 13 -14.11 -10.88 21.59
CA SER B 13 -15.04 -11.28 22.63
C SER B 13 -16.46 -10.86 22.24
N ASP B 14 -16.60 -9.65 21.74
CA ASP B 14 -17.91 -9.18 21.33
C ASP B 14 -18.43 -9.99 20.16
N ASN B 15 -17.54 -10.72 19.49
CA ASN B 15 -17.98 -11.47 18.34
C ASN B 15 -17.88 -12.95 18.52
N GLY B 16 -18.04 -13.36 19.78
CA GLY B 16 -18.07 -14.77 20.11
C GLY B 16 -16.77 -15.52 20.05
N VAL B 17 -15.65 -14.81 19.91
CA VAL B 17 -14.38 -15.51 19.88
C VAL B 17 -13.94 -15.60 21.32
N LYS B 18 -13.40 -16.73 21.73
CA LYS B 18 -12.93 -16.95 23.10
C LYS B 18 -11.60 -16.32 23.42
N VAL B 19 -11.57 -15.47 24.45
CA VAL B 19 -10.32 -14.84 24.87
C VAL B 19 -10.27 -14.94 26.37
N GLN B 20 -9.13 -14.57 26.93
CA GLN B 20 -8.93 -14.59 28.36
C GLN B 20 -9.60 -13.40 28.99
N ARG B 21 -10.21 -13.59 30.17
CA ARG B 21 -10.82 -12.47 30.91
C ARG B 21 -9.71 -11.48 31.24
N PHE B 22 -9.97 -10.19 31.13
CA PHE B 22 -8.94 -9.21 31.44
C PHE B 22 -9.53 -7.85 31.76
N PHE B 23 -8.70 -7.01 32.35
CA PHE B 23 -9.10 -5.64 32.64
C PHE B 23 -7.88 -4.86 32.20
N VAL B 24 -8.09 -3.59 31.89
CA VAL B 24 -7.01 -2.73 31.43
C VAL B 24 -6.66 -1.77 32.53
N ALA B 25 -5.39 -1.39 32.65
CA ALA B 25 -4.95 -0.47 33.70
C ALA B 25 -3.96 0.58 33.19
N ASP B 26 -4.07 1.81 33.67
CA ASP B 26 -3.07 2.81 33.23
C ASP B 26 -2.14 3.24 34.33
N THR B 27 -2.23 2.53 35.46
CA THR B 27 -1.38 2.77 36.61
C THR B 27 -1.02 1.43 37.29
N ALA B 28 0.06 1.45 38.06
CA ALA B 28 0.49 0.24 38.77
C ALA B 28 -0.59 -0.17 39.77
N ASN B 29 -1.17 0.80 40.47
CA ASN B 29 -2.20 0.45 41.44
C ASN B 29 -3.39 -0.15 40.76
N GLU B 30 -3.80 0.43 39.64
CA GLU B 30 -4.94 -0.15 38.95
C GLU B 30 -4.62 -1.59 38.52
N ALA B 31 -3.37 -1.87 38.14
CA ALA B 31 -3.05 -3.23 37.70
C ALA B 31 -3.17 -4.14 38.90
N LEU B 32 -2.64 -3.68 40.05
CA LEU B 32 -2.75 -4.48 41.27
C LEU B 32 -4.21 -4.79 41.60
N GLU B 33 -5.07 -3.77 41.51
CA GLU B 33 -6.47 -4.00 41.83
C GLU B 33 -7.16 -4.85 40.77
N ALA B 34 -6.78 -4.67 39.50
CA ALA B 34 -7.40 -5.55 38.48
C ALA B 34 -7.01 -7.00 38.73
N ALA B 35 -5.77 -7.23 39.16
CA ALA B 35 -5.32 -8.59 39.39
C ALA B 35 -6.16 -9.22 40.50
N LYS B 36 -6.41 -8.44 41.55
CA LYS B 36 -7.25 -8.94 42.66
C LYS B 36 -8.67 -9.22 42.15
N ARG B 37 -9.21 -8.32 41.33
CA ARG B 37 -10.54 -8.54 40.79
C ARG B 37 -10.61 -9.81 39.98
N LEU B 38 -9.57 -10.13 39.22
CA LEU B 38 -9.61 -11.36 38.42
C LEU B 38 -9.73 -12.57 39.31
N ASN B 39 -9.22 -12.44 40.53
CA ASN B 39 -9.29 -13.53 41.48
C ASN B 39 -8.92 -14.80 40.74
N ALA B 40 -7.78 -14.81 40.07
CA ALA B 40 -7.40 -15.99 39.31
C ALA B 40 -6.23 -16.74 39.91
N LYS B 41 -6.04 -17.98 39.51
CA LYS B 41 -4.91 -18.75 39.99
C LYS B 41 -3.60 -18.08 39.52
N GLU B 42 -3.63 -17.61 38.29
CA GLU B 42 -2.45 -16.98 37.74
C GLU B 42 -2.89 -15.88 36.80
N ILE B 43 -2.16 -14.79 36.84
CA ILE B 43 -2.40 -13.58 36.09
C ILE B 43 -1.30 -13.33 35.04
N VAL B 44 -1.68 -12.87 33.84
CA VAL B 44 -0.67 -12.52 32.83
C VAL B 44 -0.77 -11.02 32.77
N LEU B 45 0.38 -10.35 32.83
CA LEU B 45 0.43 -8.89 32.73
C LEU B 45 1.16 -8.61 31.43
N LYS B 46 0.52 -7.82 30.56
CA LYS B 46 1.08 -7.49 29.25
C LYS B 46 1.02 -6.04 28.97
N ALA B 47 2.21 -5.49 28.69
CA ALA B 47 2.35 -4.08 28.33
C ALA B 47 1.56 -3.94 27.05
N GLN B 48 0.85 -2.85 26.90
CA GLN B 48 0.09 -2.68 25.67
C GLN B 48 0.80 -1.77 24.67
N ILE B 49 1.43 -2.33 23.64
CA ILE B 49 1.99 -1.49 22.56
C ILE B 49 1.62 -2.24 21.30
N LEU B 50 1.64 -1.54 20.16
CA LEU B 50 1.30 -2.15 18.87
C LEU B 50 2.37 -3.14 18.32
N ALA B 51 3.63 -2.84 18.52
CA ALA B 51 4.69 -3.73 18.03
C ALA B 51 4.60 -5.08 18.72
N GLY B 52 4.87 -6.16 17.97
CA GLY B 52 4.87 -7.50 18.53
C GLY B 52 6.24 -7.76 19.18
N GLY B 53 6.46 -9.00 19.65
CA GLY B 53 7.72 -9.34 20.33
C GLY B 53 7.83 -8.78 21.77
N ARG B 54 6.69 -8.37 22.34
CA ARG B 54 6.66 -7.80 23.70
C ARG B 54 7.23 -8.77 24.72
N GLY B 55 7.02 -10.05 24.47
CA GLY B 55 7.53 -11.02 25.43
C GLY B 55 9.03 -11.03 25.68
N LYS B 56 9.80 -10.56 24.72
CA LYS B 56 11.25 -10.56 24.83
C LYS B 56 11.76 -9.16 24.80
N GLY B 57 10.86 -8.20 24.86
CA GLY B 57 11.33 -6.83 24.84
C GLY B 57 11.92 -6.42 26.17
N VAL B 58 12.52 -5.24 26.19
CA VAL B 58 13.08 -4.74 27.42
C VAL B 58 12.54 -3.34 27.62
N PHE B 59 12.35 -2.97 28.88
CA PHE B 59 11.88 -1.64 29.21
C PHE B 59 13.03 -0.73 29.58
N SER B 60 12.82 0.56 29.39
CA SER B 60 13.83 1.56 29.74
C SER B 60 13.98 1.67 31.28
N SER B 61 13.02 1.12 32.00
CA SER B 61 13.00 1.08 33.48
C SER B 61 13.94 -0.05 33.96
N GLY B 62 14.41 -0.89 33.03
CA GLY B 62 15.27 -1.99 33.36
C GLY B 62 14.54 -3.33 33.34
N LEU B 63 13.20 -3.31 33.44
CA LEU B 63 12.46 -4.55 33.42
C LEU B 63 12.62 -5.33 32.09
N LYS B 64 12.86 -6.63 32.16
CA LYS B 64 13.01 -7.43 30.95
C LYS B 64 11.73 -8.21 30.73
N GLY B 65 11.21 -8.19 29.52
CA GLY B 65 9.99 -8.91 29.22
C GLY B 65 8.78 -8.01 29.35
N GLY B 66 7.98 -7.98 28.29
CA GLY B 66 6.77 -7.17 28.33
C GLY B 66 5.54 -7.99 28.69
N VAL B 67 5.72 -9.30 28.87
CA VAL B 67 4.63 -10.20 29.22
C VAL B 67 5.06 -11.04 30.44
N HIS B 68 4.33 -10.96 31.54
CA HIS B 68 4.71 -11.69 32.73
C HIS B 68 3.59 -12.48 33.36
N LEU B 69 3.94 -13.62 33.93
CA LEU B 69 3.00 -14.45 34.66
C LEU B 69 3.39 -14.36 36.12
N THR B 70 2.40 -14.26 36.98
CA THR B 70 2.64 -14.28 38.40
C THR B 70 1.33 -14.69 39.06
N LYS B 71 1.42 -15.29 40.22
CA LYS B 71 0.24 -15.69 40.96
C LYS B 71 -0.13 -14.66 41.98
N ASP B 72 0.75 -13.69 42.17
CA ASP B 72 0.53 -12.66 43.19
C ASP B 72 0.14 -11.27 42.71
N PRO B 73 -1.08 -10.81 43.05
CA PRO B 73 -1.52 -9.48 42.62
C PRO B 73 -0.48 -8.37 42.91
N GLU B 74 0.28 -8.51 44.00
CA GLU B 74 1.27 -7.49 44.39
C GLU B 74 2.45 -7.49 43.43
N VAL B 75 2.76 -8.63 42.87
CA VAL B 75 3.85 -8.67 41.93
C VAL B 75 3.33 -7.96 40.66
N VAL B 76 2.05 -8.19 40.34
CA VAL B 76 1.48 -7.53 39.17
C VAL B 76 1.71 -6.02 39.29
N GLY B 77 1.46 -5.50 40.50
CA GLY B 77 1.66 -4.09 40.77
C GLY B 77 3.13 -3.71 40.61
N GLN B 78 4.05 -4.52 41.14
CA GLN B 78 5.46 -4.19 41.05
C GLN B 78 6.00 -4.20 39.62
N LEU B 79 5.51 -5.16 38.84
CA LEU B 79 5.94 -5.29 37.47
C LEU B 79 5.38 -4.11 36.70
N ALA B 80 4.10 -3.85 36.93
CA ALA B 80 3.41 -2.76 36.23
C ALA B 80 4.12 -1.42 36.45
N LYS B 81 4.59 -1.21 37.68
CA LYS B 81 5.27 0.04 37.98
C LYS B 81 6.52 0.22 37.10
N GLN B 82 7.13 -0.88 36.67
CA GLN B 82 8.30 -0.81 35.81
C GLN B 82 7.88 -0.76 34.34
N MET B 83 6.57 -0.70 34.10
CA MET B 83 6.11 -0.67 32.73
C MET B 83 5.47 0.64 32.31
N ILE B 84 4.48 1.06 33.08
CA ILE B 84 3.71 2.26 32.78
C ILE B 84 4.62 3.45 32.80
N GLY B 85 4.62 4.24 31.71
CA GLY B 85 5.47 5.41 31.66
C GLY B 85 6.85 5.14 31.09
N TYR B 86 7.22 3.87 30.98
CA TYR B 86 8.53 3.54 30.42
C TYR B 86 8.39 3.10 28.99
N ASN B 87 9.52 3.01 28.32
CA ASN B 87 9.58 2.59 26.94
C ASN B 87 9.87 1.12 26.82
N LEU B 88 9.14 0.45 25.95
CA LEU B 88 9.36 -0.96 25.75
C LEU B 88 9.93 -1.08 24.35
N ALA B 89 11.13 -1.66 24.25
CA ALA B 89 11.73 -1.87 22.96
C ALA B 89 11.61 -3.35 22.64
N THR B 90 11.31 -3.66 21.39
CA THR B 90 11.22 -5.07 21.02
C THR B 90 11.93 -5.19 19.69
N LYS B 91 12.11 -6.41 19.22
CA LYS B 91 12.77 -6.59 17.93
C LYS B 91 11.97 -5.91 16.80
N GLN B 92 10.77 -5.42 17.12
CA GLN B 92 9.90 -4.75 16.14
C GLN B 92 9.70 -3.24 16.37
N THR B 93 10.35 -2.67 17.36
CA THR B 93 10.23 -1.23 17.58
C THR B 93 11.62 -0.72 17.34
N PRO B 94 11.78 0.60 17.34
CA PRO B 94 13.15 1.09 17.15
C PRO B 94 13.81 0.87 18.51
N LYS B 95 15.12 0.98 18.57
CA LYS B 95 15.84 0.78 19.82
C LYS B 95 15.34 1.59 21.03
N GLU B 96 14.89 2.83 20.82
CA GLU B 96 14.42 3.60 21.96
C GLU B 96 13.03 3.17 22.41
N GLY B 97 12.58 2.05 21.86
CA GLY B 97 11.30 1.47 22.21
C GLY B 97 10.10 2.36 22.07
N VAL B 98 9.00 1.97 22.72
CA VAL B 98 7.73 2.69 22.63
C VAL B 98 7.18 2.88 24.03
N LYS B 99 6.58 4.04 24.27
CA LYS B 99 6.06 4.29 25.59
C LYS B 99 4.83 3.44 25.85
N VAL B 100 4.80 2.90 27.05
CA VAL B 100 3.71 2.06 27.46
C VAL B 100 2.88 2.91 28.40
N ASN B 101 1.60 3.07 28.09
CA ASN B 101 0.69 3.86 28.93
C ASN B 101 -0.37 3.01 29.53
N LYS B 102 -0.59 1.83 28.97
CA LYS B 102 -1.59 0.90 29.50
C LYS B 102 -1.07 -0.51 29.55
N VAL B 103 -1.59 -1.28 30.51
CA VAL B 103 -1.24 -2.68 30.62
C VAL B 103 -2.50 -3.47 30.77
N MET B 104 -2.45 -4.67 30.23
CA MET B 104 -3.58 -5.55 30.36
C MET B 104 -3.29 -6.50 31.48
N VAL B 105 -4.26 -6.69 32.38
CA VAL B 105 -4.13 -7.65 33.46
C VAL B 105 -5.18 -8.70 33.12
N ALA B 106 -4.69 -9.86 32.71
CA ALA B 106 -5.60 -10.91 32.30
C ALA B 106 -5.42 -12.18 33.10
N GLU B 107 -6.43 -13.04 33.02
CA GLU B 107 -6.36 -14.32 33.69
C GLU B 107 -5.50 -15.30 32.89
N ALA B 108 -4.37 -15.72 33.45
CA ALA B 108 -3.52 -16.66 32.74
C ALA B 108 -4.24 -18.01 32.72
N LEU B 109 -4.02 -18.77 31.68
CA LEU B 109 -4.67 -20.08 31.60
C LEU B 109 -3.51 -21.03 31.35
N ASP B 110 -3.67 -22.31 31.65
CA ASP B 110 -2.60 -23.21 31.33
C ASP B 110 -2.83 -23.54 29.88
N ILE B 111 -1.73 -23.69 29.18
CA ILE B 111 -1.74 -23.97 27.76
C ILE B 111 -1.33 -25.41 27.55
N SER B 112 -2.25 -26.24 27.07
CA SER B 112 -1.92 -27.63 26.83
C SER B 112 -1.33 -27.75 25.44
N ARG B 113 -1.84 -26.93 24.52
CA ARG B 113 -1.38 -27.00 23.11
C ARG B 113 -1.41 -25.58 22.51
N GLU B 114 -0.39 -25.25 21.74
CA GLU B 114 -0.33 -23.93 21.09
C GLU B 114 -0.30 -24.12 19.59
N THR B 115 -1.20 -23.49 18.88
CA THR B 115 -1.17 -23.58 17.45
C THR B 115 -1.22 -22.16 16.87
N TYR B 116 -0.92 -22.04 15.59
CA TYR B 116 -0.94 -20.76 14.92
C TYR B 116 -2.14 -20.70 13.99
N LEU B 117 -2.87 -19.60 14.07
CA LEU B 117 -4.03 -19.45 13.22
C LEU B 117 -4.14 -18.01 12.75
N ALA B 118 -4.37 -17.84 11.46
CA ALA B 118 -4.52 -16.50 10.94
C ALA B 118 -5.45 -16.52 9.78
N ILE B 119 -6.01 -15.35 9.53
CA ILE B 119 -6.87 -15.15 8.41
C ILE B 119 -6.35 -13.89 7.74
N LEU B 120 -6.12 -13.95 6.44
CA LEU B 120 -5.64 -12.78 5.73
C LEU B 120 -6.14 -12.75 4.31
N MET B 121 -6.16 -11.54 3.76
CA MET B 121 -6.53 -11.41 2.38
C MET B 121 -5.16 -11.73 1.80
N ASP B 122 -5.05 -12.88 1.17
CA ASP B 122 -3.79 -13.32 0.62
C ASP B 122 -3.54 -12.70 -0.76
N ARG B 123 -2.42 -12.00 -0.90
CA ARG B 123 -2.07 -11.35 -2.15
C ARG B 123 -1.59 -12.32 -3.20
N SER B 124 -1.33 -13.54 -2.77
CA SER B 124 -0.87 -14.59 -3.66
C SER B 124 -2.04 -15.26 -4.36
N CYS B 125 -3.22 -15.22 -3.76
CA CYS B 125 -4.37 -15.88 -4.36
C CYS B 125 -5.69 -15.12 -4.28
N ASN B 126 -5.59 -13.81 -4.28
CA ASN B 126 -6.72 -12.91 -4.28
C ASN B 126 -7.96 -13.22 -3.47
N GLY B 127 -7.75 -13.75 -2.29
CA GLY B 127 -8.89 -14.04 -1.46
C GLY B 127 -8.55 -14.26 -0.01
N PRO B 128 -9.57 -14.39 0.83
CA PRO B 128 -9.22 -14.63 2.23
C PRO B 128 -8.58 -16.02 2.30
N VAL B 129 -7.53 -16.17 3.09
CA VAL B 129 -6.93 -17.47 3.28
C VAL B 129 -6.77 -17.72 4.79
N LEU B 130 -7.14 -18.94 5.18
CA LEU B 130 -7.02 -19.44 6.54
C LEU B 130 -5.62 -19.99 6.53
N VAL B 131 -4.80 -19.54 7.47
CA VAL B 131 -3.44 -20.02 7.50
C VAL B 131 -3.30 -20.61 8.90
N GLY B 132 -2.80 -21.84 9.00
CA GLY B 132 -2.70 -22.43 10.31
C GLY B 132 -1.55 -23.37 10.43
N SER B 133 -1.13 -23.58 11.67
CA SER B 133 -0.06 -24.52 11.94
C SER B 133 -0.16 -25.13 13.33
N PRO B 134 0.14 -26.44 13.44
CA PRO B 134 0.06 -27.00 14.78
C PRO B 134 1.31 -26.53 15.53
N GLN B 135 2.27 -25.94 14.83
CA GLN B 135 3.43 -25.47 15.58
C GLN B 135 3.25 -24.01 16.00
N GLY B 136 2.47 -23.79 17.06
CA GLY B 136 2.20 -22.43 17.53
C GLY B 136 3.20 -21.87 18.51
N GLY B 137 2.98 -20.63 18.94
CA GLY B 137 3.83 -19.97 19.92
C GLY B 137 5.16 -19.47 19.39
N VAL B 138 5.37 -19.67 18.10
CA VAL B 138 6.60 -19.29 17.45
C VAL B 138 6.32 -18.37 16.29
N ASP B 139 7.37 -17.75 15.76
CA ASP B 139 7.22 -16.87 14.61
C ASP B 139 6.81 -17.76 13.40
N ILE B 140 5.69 -17.41 12.77
CA ILE B 140 5.19 -18.19 11.66
C ILE B 140 6.19 -18.31 10.53
N GLU B 141 7.01 -17.28 10.37
CA GLU B 141 8.01 -17.25 9.32
C GLU B 141 8.98 -18.38 9.54
N GLU B 142 9.40 -18.55 10.79
CA GLU B 142 10.32 -19.62 11.12
C GLU B 142 9.73 -20.98 10.82
N VAL B 143 8.47 -21.17 11.21
CA VAL B 143 7.85 -22.44 10.92
C VAL B 143 7.82 -22.63 9.42
N ALA B 144 7.47 -21.57 8.70
CA ALA B 144 7.42 -21.65 7.24
C ALA B 144 8.79 -22.15 6.74
N ALA B 145 9.83 -21.47 7.21
CA ALA B 145 11.19 -21.80 6.83
C ALA B 145 11.61 -23.22 7.25
N SER B 146 11.43 -23.52 8.52
CA SER B 146 11.82 -24.82 9.04
C SER B 146 10.91 -25.95 8.67
N ASN B 147 9.61 -25.71 8.66
CA ASN B 147 8.69 -26.80 8.35
C ASN B 147 7.50 -26.35 7.58
N PRO B 148 7.71 -26.01 6.32
CA PRO B 148 6.65 -25.56 5.41
C PRO B 148 5.50 -26.53 5.46
N GLU B 149 5.83 -27.77 5.80
CA GLU B 149 4.85 -28.83 5.87
C GLU B 149 3.85 -28.61 7.01
N LEU B 150 4.32 -28.03 8.11
CA LEU B 150 3.43 -27.74 9.22
C LEU B 150 2.50 -26.57 8.94
N ILE B 151 2.65 -25.94 7.78
CA ILE B 151 1.81 -24.81 7.43
C ILE B 151 0.65 -25.33 6.60
N PHE B 152 -0.57 -24.96 6.97
CA PHE B 152 -1.74 -25.38 6.23
C PHE B 152 -2.54 -24.13 5.81
N LYS B 153 -3.21 -24.23 4.66
CA LYS B 153 -4.04 -23.14 4.19
C LYS B 153 -5.32 -23.65 3.55
N GLU B 154 -6.35 -22.84 3.69
CA GLU B 154 -7.65 -23.11 3.12
C GLU B 154 -7.98 -21.78 2.44
N GLN B 155 -8.16 -21.77 1.13
CA GLN B 155 -8.54 -20.54 0.45
C GLN B 155 -10.01 -20.44 0.66
N ILE B 156 -10.49 -19.29 1.08
CA ILE B 156 -11.92 -19.16 1.30
C ILE B 156 -12.49 -18.36 0.16
N ASP B 157 -13.66 -18.78 -0.33
CA ASP B 157 -14.36 -18.10 -1.41
C ASP B 157 -15.15 -16.98 -0.77
N ILE B 158 -14.75 -15.76 -1.07
CA ILE B 158 -15.37 -14.61 -0.45
C ILE B 158 -16.88 -14.59 -0.56
N ILE B 159 -17.41 -15.05 -1.68
CA ILE B 159 -18.85 -15.02 -1.83
C ILE B 159 -19.54 -16.11 -1.00
N GLU B 160 -18.97 -17.30 -1.02
CA GLU B 160 -19.54 -18.41 -0.26
C GLU B 160 -19.37 -18.25 1.25
N GLY B 161 -18.17 -17.87 1.66
CA GLY B 161 -17.91 -17.73 3.08
C GLY B 161 -17.17 -19.00 3.44
N ILE B 162 -16.72 -19.06 4.67
CA ILE B 162 -15.97 -20.22 5.10
C ILE B 162 -16.95 -21.41 5.19
N LYS B 163 -16.51 -22.56 4.72
CA LYS B 163 -17.34 -23.76 4.74
C LYS B 163 -16.98 -24.57 5.98
N ASP B 164 -17.97 -25.28 6.51
CA ASP B 164 -17.76 -26.15 7.65
C ASP B 164 -16.56 -27.02 7.46
N SER B 165 -16.50 -27.61 6.28
CA SER B 165 -15.41 -28.51 5.93
C SER B 165 -14.05 -27.86 6.05
N GLN B 166 -13.96 -26.58 5.65
CA GLN B 166 -12.66 -25.90 5.72
C GLN B 166 -12.31 -25.71 7.20
N ALA B 167 -13.30 -25.25 7.95
CA ALA B 167 -13.04 -25.02 9.39
C ALA B 167 -12.66 -26.30 10.11
N GLN B 168 -13.37 -27.37 9.79
CA GLN B 168 -13.15 -28.66 10.43
C GLN B 168 -11.81 -29.17 10.01
N ARG B 169 -11.52 -29.03 8.72
CA ARG B 169 -10.24 -29.47 8.19
C ARG B 169 -9.11 -28.76 8.87
N MET B 170 -9.20 -27.44 8.95
CA MET B 170 -8.14 -26.67 9.57
C MET B 170 -8.06 -27.07 11.05
N ALA B 171 -9.22 -27.23 11.68
CA ALA B 171 -9.21 -27.66 13.10
C ALA B 171 -8.40 -28.97 13.22
N GLU B 172 -8.59 -29.90 12.29
CA GLU B 172 -7.83 -31.14 12.38
C GLU B 172 -6.37 -30.90 12.14
N ASN B 173 -6.09 -30.08 11.12
CA ASN B 173 -4.69 -29.83 10.80
C ASN B 173 -3.94 -29.15 11.94
N LEU B 174 -4.68 -28.42 12.78
CA LEU B 174 -4.02 -27.71 13.90
C LEU B 174 -3.73 -28.69 15.02
N GLY B 175 -4.28 -29.89 14.90
CA GLY B 175 -4.00 -30.89 15.92
C GLY B 175 -5.04 -31.03 17.02
N PHE B 176 -6.16 -30.32 16.89
CA PHE B 176 -7.20 -30.49 17.90
C PHE B 176 -7.79 -31.87 17.69
N LEU B 177 -8.00 -32.59 18.77
CA LEU B 177 -8.58 -33.91 18.66
C LEU B 177 -10.11 -33.90 18.52
N GLY B 178 -10.65 -35.05 18.20
CA GLY B 178 -12.09 -35.18 18.01
C GLY B 178 -13.04 -34.32 18.82
N PRO B 179 -13.04 -34.45 20.15
CA PRO B 179 -13.96 -33.65 20.96
C PRO B 179 -13.72 -32.16 20.87
N LEU B 180 -12.50 -31.74 20.59
CA LEU B 180 -12.25 -30.32 20.51
C LEU B 180 -12.31 -29.78 19.07
N GLN B 181 -12.26 -30.65 18.08
CA GLN B 181 -12.27 -30.20 16.70
C GLN B 181 -13.40 -29.28 16.42
N ASN B 182 -14.54 -29.72 16.85
CA ASN B 182 -15.70 -28.94 16.63
C ASN B 182 -15.63 -27.55 17.29
N GLN B 183 -15.12 -27.52 18.52
CA GLN B 183 -15.01 -26.26 19.27
C GLN B 183 -14.07 -25.31 18.50
N ALA B 184 -12.93 -25.85 18.09
CA ALA B 184 -11.93 -25.12 17.29
C ALA B 184 -12.48 -24.64 15.96
N ALA B 185 -13.24 -25.49 15.27
CA ALA B 185 -13.83 -25.14 13.98
C ALA B 185 -14.79 -23.98 14.17
N ASP B 186 -15.52 -24.05 15.25
CA ASP B 186 -16.48 -23.02 15.53
C ASP B 186 -15.74 -21.69 15.73
N GLN B 187 -14.70 -21.70 16.55
CA GLN B 187 -13.92 -20.49 16.78
C GLN B 187 -13.36 -19.98 15.41
N ILE B 188 -12.79 -20.88 14.62
CA ILE B 188 -12.25 -20.49 13.32
C ILE B 188 -13.34 -19.81 12.49
N LYS B 189 -14.52 -20.38 12.52
CA LYS B 189 -15.58 -19.73 11.80
C LYS B 189 -15.87 -18.33 12.36
N LYS B 190 -15.93 -18.22 13.69
CA LYS B 190 -16.22 -16.93 14.28
C LYS B 190 -15.13 -15.89 13.99
N LEU B 191 -13.88 -16.36 13.96
CA LEU B 191 -12.73 -15.54 13.64
C LEU B 191 -12.86 -15.05 12.17
N TYR B 192 -13.14 -15.99 11.27
CA TYR B 192 -13.33 -15.64 9.86
C TYR B 192 -14.43 -14.62 9.74
N ASN B 193 -15.55 -14.88 10.39
CA ASN B 193 -16.65 -13.95 10.29
C ASN B 193 -16.38 -12.58 10.87
N LEU B 194 -15.57 -12.54 11.92
CA LEU B 194 -15.18 -11.31 12.59
C LEU B 194 -14.21 -10.58 11.62
N PHE B 195 -13.31 -11.35 11.03
CA PHE B 195 -12.33 -10.84 10.07
C PHE B 195 -13.04 -10.06 8.98
N LEU B 196 -14.14 -10.62 8.49
CA LEU B 196 -14.89 -9.96 7.45
C LEU B 196 -15.66 -8.74 7.90
N LYS B 197 -16.36 -8.91 9.02
CA LYS B 197 -17.16 -7.87 9.61
C LYS B 197 -16.40 -6.56 9.84
N ILE B 198 -15.19 -6.70 10.36
CA ILE B 198 -14.38 -5.55 10.71
C ILE B 198 -13.42 -5.04 9.64
N ASP B 199 -13.47 -5.61 8.44
CA ASP B 199 -12.57 -5.17 7.38
C ASP B 199 -11.11 -5.29 7.76
N ALA B 200 -10.79 -6.41 8.37
CA ALA B 200 -9.42 -6.75 8.72
C ALA B 200 -8.73 -7.19 7.45
N THR B 201 -7.43 -6.93 7.34
CA THR B 201 -6.68 -7.46 6.21
C THR B 201 -6.02 -8.68 6.85
N GLN B 202 -5.95 -8.69 8.19
CA GLN B 202 -5.36 -9.83 8.85
C GLN B 202 -5.79 -9.95 10.29
N VAL B 203 -6.12 -11.16 10.68
CA VAL B 203 -6.43 -11.45 12.07
C VAL B 203 -5.44 -12.58 12.34
N GLU B 204 -4.54 -12.37 13.27
CA GLU B 204 -3.56 -13.37 13.59
C GLU B 204 -3.61 -13.77 15.05
N VAL B 205 -3.74 -15.07 15.31
CA VAL B 205 -3.83 -15.56 16.69
C VAL B 205 -2.73 -16.52 16.96
N ASN B 206 -1.82 -16.12 17.81
CA ASN B 206 -0.70 -17.01 18.10
C ASN B 206 -0.24 -16.78 19.53
N PRO B 207 -0.49 -17.73 20.42
CA PRO B 207 -1.17 -19.00 20.17
C PRO B 207 -2.72 -19.06 20.15
N PHE B 208 -3.23 -19.90 19.26
CA PHE B 208 -4.65 -20.22 19.14
C PHE B 208 -4.46 -21.53 19.93
N GLY B 209 -4.70 -21.42 21.22
CA GLY B 209 -4.45 -22.54 22.12
C GLY B 209 -5.51 -23.42 22.75
N GLU B 210 -4.99 -24.47 23.38
CA GLU B 210 -5.85 -25.43 24.04
C GLU B 210 -5.43 -25.43 25.51
N THR B 211 -6.38 -25.40 26.42
CA THR B 211 -6.05 -25.45 27.85
C THR B 211 -6.33 -26.87 28.31
N PRO B 212 -5.70 -27.28 29.42
CA PRO B 212 -5.90 -28.62 29.98
C PRO B 212 -7.38 -28.89 30.20
N GLU B 213 -8.16 -27.84 30.46
CA GLU B 213 -9.59 -28.01 30.72
C GLU B 213 -10.44 -28.19 29.47
N GLY B 214 -9.80 -28.21 28.31
CA GLY B 214 -10.60 -28.41 27.11
C GLY B 214 -11.21 -27.16 26.55
N GLN B 215 -10.59 -26.01 26.80
CA GLN B 215 -11.05 -24.74 26.20
C GLN B 215 -10.13 -24.34 25.02
N VAL B 216 -10.72 -23.88 23.92
CA VAL B 216 -9.99 -23.42 22.75
C VAL B 216 -9.95 -21.89 22.89
N VAL B 217 -8.77 -21.34 23.15
CA VAL B 217 -8.62 -19.91 23.44
C VAL B 217 -7.60 -19.11 22.62
N CYS B 218 -8.02 -17.94 22.16
CA CYS B 218 -7.13 -17.06 21.42
C CYS B 218 -6.32 -16.29 22.47
N PHE B 219 -5.11 -16.75 22.76
CA PHE B 219 -4.31 -16.12 23.81
C PHE B 219 -3.73 -14.78 23.47
N ASP B 220 -3.36 -14.63 22.22
CA ASP B 220 -2.81 -13.37 21.80
C ASP B 220 -3.40 -13.16 20.43
N ALA B 221 -3.69 -11.92 20.07
CA ALA B 221 -4.21 -11.57 18.74
C ALA B 221 -3.67 -10.25 18.22
N LYS B 222 -3.48 -10.22 16.90
CA LYS B 222 -3.01 -9.05 16.20
C LYS B 222 -4.01 -8.87 15.09
N ILE B 223 -4.58 -7.69 15.01
CA ILE B 223 -5.52 -7.46 13.95
C ILE B 223 -5.05 -6.23 13.20
N ASN B 224 -4.90 -6.41 11.89
CA ASN B 224 -4.51 -5.35 10.97
C ASN B 224 -5.82 -4.92 10.32
N PHE B 225 -6.26 -3.69 10.54
CA PHE B 225 -7.52 -3.24 9.91
C PHE B 225 -7.20 -2.47 8.64
N ASP B 226 -8.01 -2.66 7.62
CA ASP B 226 -7.86 -2.01 6.35
C ASP B 226 -8.14 -0.51 6.54
N ASP B 227 -7.10 0.32 6.39
CA ASP B 227 -7.31 1.77 6.53
C ASP B 227 -8.35 2.28 5.55
N ASN B 228 -8.45 1.68 4.38
CA ASN B 228 -9.46 2.12 3.42
C ASN B 228 -10.89 1.92 3.91
N ALA B 229 -11.07 1.08 4.93
CA ALA B 229 -12.45 0.83 5.41
C ALA B 229 -12.89 1.69 6.59
N GLU B 230 -12.12 2.71 6.94
CA GLU B 230 -12.51 3.55 8.08
C GLU B 230 -13.94 4.14 7.94
N PHE B 231 -14.31 4.57 6.74
CA PHE B 231 -15.65 5.16 6.55
C PHE B 231 -16.73 4.20 7.02
N ARG B 232 -16.51 2.89 6.88
CA ARG B 232 -17.54 1.97 7.37
C ARG B 232 -17.12 1.22 8.65
N GLN B 233 -16.06 1.69 9.31
CA GLN B 233 -15.60 1.09 10.56
C GLN B 233 -15.36 2.25 11.54
N LYS B 234 -16.28 3.22 11.52
CA LYS B 234 -16.19 4.41 12.36
C LYS B 234 -15.83 4.07 13.78
N ASP B 235 -16.61 3.19 14.38
CA ASP B 235 -16.40 2.83 15.79
C ASP B 235 -15.11 2.15 16.07
N ILE B 236 -14.58 1.46 15.09
CA ILE B 236 -13.31 0.80 15.33
C ILE B 236 -12.21 1.83 15.21
N PHE B 237 -12.24 2.68 14.19
CA PHE B 237 -11.17 3.64 14.08
C PHE B 237 -11.18 4.70 15.17
N ALA B 238 -12.31 4.89 15.82
CA ALA B 238 -12.40 5.87 16.89
C ALA B 238 -11.52 5.36 18.01
N MET B 239 -11.30 4.05 18.07
CA MET B 239 -10.47 3.51 19.13
C MET B 239 -8.99 3.68 18.90
N ASP B 240 -8.62 4.14 17.71
CA ASP B 240 -7.22 4.31 17.40
C ASP B 240 -6.65 5.61 18.00
N ASP B 241 -5.72 5.43 18.93
CA ASP B 241 -5.03 6.51 19.60
C ASP B 241 -4.25 7.48 18.71
N LYS B 242 -3.32 6.90 17.96
CA LYS B 242 -2.40 7.66 17.14
C LYS B 242 -1.38 8.11 18.18
N SER B 243 -1.59 7.65 19.42
CA SER B 243 -0.71 7.97 20.57
C SER B 243 0.70 7.36 20.44
N GLU B 244 0.82 6.25 19.73
CA GLU B 244 2.13 5.63 19.53
C GLU B 244 2.81 6.23 18.29
N ASN B 245 2.07 7.12 17.62
CA ASN B 245 2.59 7.79 16.43
C ASN B 245 3.62 8.82 16.79
N GLU B 246 4.69 8.79 16.01
CA GLU B 246 5.75 9.75 16.13
C GLU B 246 4.93 11.00 15.90
N PRO B 247 5.05 12.01 16.78
CA PRO B 247 4.29 13.25 16.66
C PRO B 247 4.31 13.92 15.27
N ILE B 248 5.49 14.05 14.69
CA ILE B 248 5.61 14.66 13.38
C ILE B 248 4.59 14.01 12.45
N GLU B 249 4.52 12.68 12.49
CA GLU B 249 3.59 11.95 11.64
C GLU B 249 2.12 12.36 11.83
N ASN B 250 1.70 12.60 13.07
CA ASN B 250 0.31 12.99 13.32
C ASN B 250 0.05 14.41 12.83
N GLU B 251 1.00 15.30 12.98
CA GLU B 251 0.79 16.66 12.51
C GLU B 251 0.57 16.58 11.01
N ALA B 252 1.52 15.95 10.33
CA ALA B 252 1.48 15.77 8.88
C ALA B 252 0.13 15.22 8.43
N ALA B 253 -0.30 14.12 9.04
CA ALA B 253 -1.55 13.49 8.66
C ALA B 253 -2.70 14.49 8.64
N LYS B 254 -2.71 15.37 9.62
CA LYS B 254 -3.76 16.36 9.70
C LYS B 254 -3.96 17.05 8.35
N TYR B 255 -2.87 17.20 7.62
CA TYR B 255 -2.90 17.88 6.33
C TYR B 255 -2.76 16.94 5.15
N ASP B 256 -3.30 15.72 5.27
CA ASP B 256 -3.20 14.75 4.19
C ASP B 256 -1.79 14.56 3.62
N LEU B 257 -0.82 14.51 4.53
CA LEU B 257 0.58 14.29 4.21
C LEU B 257 0.91 12.95 4.85
N LYS B 258 1.46 12.03 4.08
CA LYS B 258 1.83 10.72 4.58
C LYS B 258 3.30 10.69 4.86
N TYR B 259 3.63 10.80 6.13
CA TYR B 259 5.00 10.82 6.60
C TYR B 259 5.41 9.50 7.26
N ILE B 260 6.64 9.10 6.98
CA ILE B 260 7.17 7.90 7.60
C ILE B 260 8.58 8.29 7.95
N GLY B 261 8.86 8.37 9.25
CA GLY B 261 10.18 8.76 9.69
C GLY B 261 11.22 7.71 9.43
N LEU B 262 12.40 8.12 9.01
CA LEU B 262 13.49 7.17 8.80
C LEU B 262 14.62 7.71 9.71
N ASP B 263 15.78 7.10 9.65
CA ASP B 263 16.87 7.60 10.46
C ASP B 263 17.91 8.25 9.57
N GLY B 264 17.83 9.56 9.46
CA GLY B 264 18.77 10.24 8.60
C GLY B 264 18.60 11.72 8.75
N ASN B 265 19.41 12.47 8.01
CA ASN B 265 19.40 13.92 8.10
C ASN B 265 18.96 14.65 6.84
N ILE B 266 18.57 13.91 5.80
CA ILE B 266 18.14 14.57 4.57
C ILE B 266 16.65 14.36 4.40
N ALA B 267 15.88 15.39 4.71
CA ALA B 267 14.45 15.28 4.60
C ALA B 267 13.97 15.44 3.19
N CYS B 268 12.84 14.82 2.89
CA CYS B 268 12.31 15.01 1.56
C CYS B 268 10.80 14.90 1.51
N PHE B 269 10.24 15.51 0.47
CA PHE B 269 8.81 15.40 0.27
C PHE B 269 8.55 15.46 -1.21
N VAL B 270 7.70 14.54 -1.57
CA VAL B 270 7.43 14.24 -2.95
C VAL B 270 5.97 14.05 -3.10
N ASN B 271 5.45 14.18 -4.33
CA ASN B 271 4.04 13.90 -4.54
C ASN B 271 3.97 12.51 -5.19
N GLY B 272 3.33 11.55 -4.51
CA GLY B 272 3.18 10.19 -5.04
C GLY B 272 4.03 9.19 -4.27
N ALA B 273 3.42 8.10 -3.84
CA ALA B 273 4.14 7.11 -3.02
C ALA B 273 5.38 6.42 -3.63
N GLY B 274 5.28 6.04 -4.89
CA GLY B 274 6.42 5.37 -5.51
C GLY B 274 7.57 6.33 -5.65
N LEU B 275 7.24 7.55 -6.02
CA LEU B 275 8.27 8.57 -6.22
C LEU B 275 8.91 8.90 -4.88
N ALA B 276 8.08 9.00 -3.85
CA ALA B 276 8.56 9.32 -2.54
C ALA B 276 9.50 8.21 -2.11
N MET B 277 9.09 6.96 -2.28
CA MET B 277 10.03 5.87 -1.90
C MET B 277 11.30 5.96 -2.73
N ALA B 278 11.14 6.21 -4.04
CA ALA B 278 12.28 6.29 -4.94
C ALA B 278 13.21 7.46 -4.53
N THR B 279 12.61 8.51 -3.99
CA THR B 279 13.39 9.64 -3.58
C THR B 279 14.23 9.26 -2.35
N CYS B 280 13.64 8.59 -1.35
CA CYS B 280 14.49 8.18 -0.21
C CYS B 280 15.55 7.25 -0.73
N ASP B 281 15.16 6.37 -1.65
CA ASP B 281 16.14 5.43 -2.20
C ASP B 281 17.33 6.10 -2.92
N ILE B 282 17.07 7.10 -3.75
CA ILE B 282 18.17 7.69 -4.50
C ILE B 282 19.09 8.50 -3.56
N ILE B 283 18.54 9.04 -2.49
CA ILE B 283 19.34 9.77 -1.50
C ILE B 283 20.31 8.77 -0.91
N PHE B 284 19.77 7.63 -0.49
CA PHE B 284 20.61 6.59 0.08
C PHE B 284 21.68 6.09 -0.93
N LEU B 285 21.27 5.84 -2.17
CA LEU B 285 22.19 5.38 -3.18
C LEU B 285 23.33 6.39 -3.36
N ASN B 286 23.08 7.67 -3.12
CA ASN B 286 24.15 8.65 -3.30
C ASN B 286 24.88 9.01 -2.04
N GLY B 287 24.86 8.08 -1.09
CA GLY B 287 25.58 8.26 0.16
C GLY B 287 24.97 9.15 1.21
N GLY B 288 23.70 9.47 1.04
CA GLY B 288 23.01 10.28 2.04
C GLY B 288 22.14 9.39 2.92
N LYS B 289 21.53 9.98 3.93
CA LYS B 289 20.65 9.22 4.79
C LYS B 289 19.33 9.98 4.84
N PRO B 290 18.33 9.47 4.12
CA PRO B 290 17.03 10.14 4.12
C PRO B 290 16.44 10.14 5.53
N ALA B 291 15.87 11.27 5.90
CA ALA B 291 15.26 11.47 7.20
C ALA B 291 13.83 11.00 7.25
N ASN B 292 13.24 10.82 6.08
CA ASN B 292 11.85 10.45 6.05
C ASN B 292 11.35 10.21 4.65
N PHE B 293 10.15 9.64 4.62
CA PHE B 293 9.42 9.42 3.42
C PHE B 293 8.27 10.37 3.65
N LEU B 294 7.83 11.06 2.61
CA LEU B 294 6.67 11.91 2.75
C LEU B 294 6.02 12.03 1.39
N ASP B 295 4.77 11.60 1.31
CA ASP B 295 4.00 11.66 0.09
C ASP B 295 2.95 12.71 0.33
N LEU B 296 2.93 13.72 -0.55
CA LEU B 296 2.04 14.86 -0.52
C LEU B 296 0.67 14.55 -0.99
N GLY B 297 0.53 13.49 -1.74
CA GLY B 297 -0.78 13.17 -2.26
C GLY B 297 -0.88 13.73 -3.68
N GLY B 298 -2.09 13.71 -4.23
CA GLY B 298 -2.29 14.18 -5.60
C GLY B 298 -2.72 15.62 -5.79
N GLY B 299 -3.10 16.30 -4.71
CA GLY B 299 -3.54 17.68 -4.84
C GLY B 299 -2.78 18.67 -3.97
N VAL B 300 -1.55 18.93 -4.37
CA VAL B 300 -0.65 19.85 -3.64
C VAL B 300 -1.26 21.24 -3.38
N LYS B 301 -1.38 21.61 -2.10
CA LYS B 301 -1.90 22.91 -1.69
C LYS B 301 -0.71 23.65 -1.13
N GLU B 302 -0.62 24.96 -1.37
CA GLU B 302 0.50 25.73 -0.83
C GLU B 302 0.53 25.45 0.68
N SER B 303 -0.64 25.14 1.24
CA SER B 303 -0.78 24.82 2.66
C SER B 303 0.10 23.65 3.00
N GLN B 304 -0.13 22.56 2.28
CA GLN B 304 0.61 21.33 2.47
C GLN B 304 2.10 21.57 2.42
N VAL B 305 2.51 22.26 1.35
CA VAL B 305 3.90 22.58 1.19
C VAL B 305 4.38 23.25 2.45
N TYR B 306 3.62 24.26 2.87
CA TYR B 306 3.97 24.99 4.08
C TYR B 306 4.12 24.11 5.33
N GLN B 307 3.10 23.29 5.58
CA GLN B 307 3.12 22.41 6.74
C GLN B 307 4.25 21.40 6.62
N ALA B 308 4.43 20.86 5.42
CA ALA B 308 5.49 19.90 5.20
C ALA B 308 6.77 20.56 5.63
N PHE B 309 6.95 21.81 5.23
CA PHE B 309 8.17 22.50 5.59
C PHE B 309 8.28 22.76 7.09
N LYS B 310 7.19 23.26 7.67
CA LYS B 310 7.17 23.53 9.10
C LYS B 310 7.59 22.29 9.88
N LEU B 311 6.92 21.18 9.56
CA LEU B 311 7.15 19.89 10.22
C LEU B 311 8.53 19.27 10.07
N LEU B 312 9.12 19.35 8.88
CA LEU B 312 10.43 18.78 8.68
C LEU B 312 11.49 19.62 9.34
N THR B 313 11.35 20.93 9.30
CA THR B 313 12.35 21.78 9.93
C THR B 313 12.20 21.70 11.45
N ALA B 314 11.04 21.23 11.90
CA ALA B 314 10.75 21.07 13.31
C ALA B 314 11.80 20.09 13.85
N ASP B 315 12.08 19.05 13.07
CA ASP B 315 13.04 18.03 13.45
C ASP B 315 14.51 18.49 13.35
N PRO B 316 15.19 18.59 14.51
CA PRO B 316 16.59 19.01 14.62
C PRO B 316 17.53 18.14 13.82
N LYS B 317 17.17 16.87 13.72
CA LYS B 317 17.98 15.89 13.00
C LYS B 317 18.13 16.25 11.54
N VAL B 318 17.13 16.93 10.99
CA VAL B 318 17.17 17.30 9.59
C VAL B 318 18.20 18.38 9.27
N GLU B 319 19.16 18.05 8.40
CA GLU B 319 20.18 19.00 7.98
C GLU B 319 20.00 19.50 6.55
N ALA B 320 18.98 19.01 5.85
CA ALA B 320 18.71 19.41 4.48
C ALA B 320 17.37 18.92 3.97
N ILE B 321 16.76 19.66 3.06
CA ILE B 321 15.49 19.29 2.52
C ILE B 321 15.49 19.14 1.00
N LEU B 322 15.11 17.94 0.52
CA LEU B 322 15.02 17.69 -0.93
C LEU B 322 13.54 17.65 -1.30
N VAL B 323 13.13 18.52 -2.20
CA VAL B 323 11.76 18.53 -2.63
C VAL B 323 11.76 17.98 -4.04
N ASN B 324 10.98 16.92 -4.26
CA ASN B 324 10.91 16.33 -5.56
C ASN B 324 9.48 16.21 -5.94
N ILE B 325 9.08 17.08 -6.85
CA ILE B 325 7.70 17.13 -7.32
C ILE B 325 7.59 16.98 -8.85
N PHE B 326 6.70 16.12 -9.31
CA PHE B 326 6.53 15.97 -10.74
C PHE B 326 5.13 16.45 -11.02
N GLY B 327 5.09 17.67 -11.55
CA GLY B 327 3.85 18.36 -11.88
C GLY B 327 3.06 17.85 -13.05
N GLY B 328 1.75 17.83 -12.85
CA GLY B 328 0.82 17.39 -13.88
C GLY B 328 -0.46 18.12 -13.52
N ILE B 329 -1.31 17.47 -12.73
CA ILE B 329 -2.58 18.07 -12.32
C ILE B 329 -2.41 19.49 -11.81
N VAL B 330 -1.58 19.63 -10.80
CA VAL B 330 -1.28 20.91 -10.21
C VAL B 330 0.04 21.28 -10.89
N ASN B 331 0.01 22.29 -11.76
CA ASN B 331 1.20 22.65 -12.50
C ASN B 331 2.34 23.03 -11.55
N CYS B 332 3.56 22.92 -12.02
CA CYS B 332 4.70 23.22 -11.19
C CYS B 332 4.79 24.63 -10.62
N ALA B 333 4.27 25.63 -11.34
CA ALA B 333 4.31 27.02 -10.89
C ALA B 333 3.61 27.23 -9.57
N ILE B 334 2.34 26.81 -9.50
CA ILE B 334 1.59 26.95 -8.26
C ILE B 334 2.48 26.38 -7.14
N ILE B 335 3.17 25.30 -7.47
CA ILE B 335 4.06 24.58 -6.56
C ILE B 335 5.28 25.41 -6.16
N ALA B 336 5.93 26.02 -7.15
CA ALA B 336 7.10 26.85 -6.88
C ALA B 336 6.68 28.02 -5.98
N ASN B 337 5.52 28.60 -6.27
CA ASN B 337 5.02 29.70 -5.46
C ASN B 337 4.79 29.22 -4.02
N GLY B 338 4.35 27.98 -3.86
CA GLY B 338 4.15 27.45 -2.53
C GLY B 338 5.52 27.29 -1.88
N ILE B 339 6.48 26.76 -2.64
CA ILE B 339 7.81 26.55 -2.12
C ILE B 339 8.37 27.89 -1.63
N THR B 340 8.41 28.89 -2.51
CA THR B 340 8.93 30.21 -2.15
C THR B 340 8.21 30.81 -0.95
N LYS B 341 6.88 30.86 -1.03
CA LYS B 341 6.05 31.41 0.02
C LYS B 341 6.41 30.75 1.37
N ALA B 342 6.43 29.42 1.42
CA ALA B 342 6.78 28.77 2.68
C ALA B 342 8.20 29.14 3.11
N CYS B 343 9.11 29.27 2.15
CA CYS B 343 10.48 29.62 2.45
C CYS B 343 10.56 30.95 3.16
N ARG B 344 9.73 31.88 2.71
CA ARG B 344 9.69 33.19 3.27
C ARG B 344 9.03 33.19 4.66
N GLU B 345 7.90 32.50 4.78
CA GLU B 345 7.18 32.46 6.04
C GLU B 345 7.84 31.65 7.15
N LEU B 346 8.73 30.73 6.80
CA LEU B 346 9.37 29.90 7.82
C LEU B 346 10.84 30.20 8.02
N GLU B 347 11.41 31.02 7.15
CA GLU B 347 12.80 31.34 7.32
C GLU B 347 13.62 30.06 7.47
N LEU B 348 13.48 29.18 6.47
CA LEU B 348 14.19 27.90 6.39
C LEU B 348 15.63 28.11 6.88
N LYS B 349 16.15 27.15 7.62
CA LYS B 349 17.50 27.27 8.17
C LYS B 349 18.45 26.22 7.59
N VAL B 350 17.92 25.27 6.84
CA VAL B 350 18.80 24.23 6.26
C VAL B 350 18.84 24.35 4.76
N PRO B 351 19.85 23.78 4.14
CA PRO B 351 19.82 23.94 2.69
C PRO B 351 18.67 23.16 2.06
N LEU B 352 18.09 23.77 1.03
CA LEU B 352 16.98 23.22 0.25
C LEU B 352 17.35 22.94 -1.22
N VAL B 353 17.07 21.71 -1.69
CA VAL B 353 17.29 21.31 -3.08
C VAL B 353 15.91 20.99 -3.59
N VAL B 354 15.52 21.63 -4.70
CA VAL B 354 14.23 21.43 -5.30
C VAL B 354 14.42 20.90 -6.73
N ARG B 355 13.59 19.91 -7.11
CA ARG B 355 13.58 19.30 -8.43
C ARG B 355 12.10 19.23 -8.80
N LEU B 356 11.70 20.06 -9.76
CA LEU B 356 10.34 20.10 -10.28
C LEU B 356 10.47 19.65 -11.74
N GLU B 357 9.41 19.03 -12.23
CA GLU B 357 9.34 18.53 -13.59
C GLU B 357 7.88 18.40 -13.88
N GLY B 358 7.53 18.38 -15.17
CA GLY B 358 6.14 18.27 -15.55
C GLY B 358 5.48 19.53 -16.06
N THR B 359 4.16 19.64 -15.83
CA THR B 359 3.38 20.76 -16.30
C THR B 359 3.85 22.15 -15.86
N ASN B 360 3.83 23.05 -16.83
CA ASN B 360 4.23 24.42 -16.66
C ASN B 360 5.50 24.59 -15.87
N VAL B 361 6.43 23.68 -16.10
CA VAL B 361 7.69 23.65 -15.40
C VAL B 361 8.56 24.91 -15.58
N HIS B 362 8.69 25.39 -16.81
CA HIS B 362 9.52 26.57 -17.09
C HIS B 362 9.21 27.78 -16.23
N GLU B 363 7.92 28.09 -16.12
CA GLU B 363 7.44 29.22 -15.34
C GLU B 363 7.85 29.03 -13.89
N ALA B 364 7.58 27.84 -13.39
CA ALA B 364 7.92 27.49 -12.03
C ALA B 364 9.41 27.73 -11.77
N GLN B 365 10.27 27.34 -12.70
CA GLN B 365 11.67 27.56 -12.49
C GLN B 365 11.99 29.04 -12.45
N ASN B 366 11.27 29.82 -13.23
CA ASN B 366 11.52 31.24 -13.20
C ASN B 366 11.11 31.74 -11.81
N ILE B 367 10.05 31.17 -11.25
CA ILE B 367 9.59 31.58 -9.92
C ILE B 367 10.76 31.37 -8.96
N LEU B 368 11.26 30.15 -8.90
CA LEU B 368 12.37 29.85 -8.02
C LEU B 368 13.51 30.84 -8.25
N THR B 369 13.91 31.00 -9.52
CA THR B 369 14.96 31.92 -9.89
C THR B 369 14.71 33.36 -9.42
N ASN B 370 13.60 33.93 -9.85
CA ASN B 370 13.25 35.30 -9.49
C ASN B 370 13.03 35.48 -8.00
N SER B 371 12.94 34.39 -7.25
CA SER B 371 12.72 34.49 -5.82
C SER B 371 13.94 35.02 -5.04
N GLY B 372 15.14 34.90 -5.62
CA GLY B 372 16.37 35.31 -4.95
C GLY B 372 16.73 34.49 -3.70
N LEU B 373 15.96 33.44 -3.43
CA LEU B 373 16.22 32.62 -2.27
C LEU B 373 17.32 31.63 -2.57
N PRO B 374 18.11 31.22 -1.55
CA PRO B 374 19.23 30.27 -1.71
C PRO B 374 18.82 28.82 -2.01
N ILE B 375 17.84 28.68 -2.89
CA ILE B 375 17.27 27.40 -3.31
C ILE B 375 18.02 26.75 -4.49
N THR B 376 18.69 25.60 -4.24
CA THR B 376 19.38 24.90 -5.32
C THR B 376 18.38 24.11 -6.15
N SER B 377 18.23 24.47 -7.43
CA SER B 377 17.31 23.82 -8.34
C SER B 377 18.07 22.79 -9.22
N ALA B 378 17.80 21.50 -8.98
CA ALA B 378 18.49 20.38 -9.66
C ALA B 378 18.01 20.04 -11.08
N VAL B 379 18.92 19.55 -11.92
CA VAL B 379 18.61 19.18 -13.33
C VAL B 379 17.68 17.99 -13.39
N ASP B 380 17.91 17.04 -12.50
CA ASP B 380 17.04 15.87 -12.46
C ASP B 380 17.13 15.24 -11.08
N LEU B 381 16.46 14.12 -10.91
CA LEU B 381 16.42 13.48 -9.62
C LEU B 381 17.77 13.06 -9.09
N GLU B 382 18.66 12.62 -9.98
CA GLU B 382 19.97 12.16 -9.56
C GLU B 382 20.80 13.30 -9.02
N ASP B 383 20.74 14.38 -9.78
CA ASP B 383 21.43 15.63 -9.51
C ASP B 383 20.91 16.17 -8.18
N ALA B 384 19.60 16.14 -8.05
CA ALA B 384 18.92 16.62 -6.86
C ALA B 384 19.46 15.88 -5.66
N ALA B 385 19.68 14.58 -5.88
CA ALA B 385 20.19 13.70 -4.86
C ALA B 385 21.65 14.00 -4.46
N LYS B 386 22.56 13.99 -5.43
CA LYS B 386 23.95 14.26 -5.12
C LYS B 386 24.08 15.62 -4.43
N LYS B 387 23.40 16.63 -4.95
CA LYS B 387 23.45 17.95 -4.36
C LYS B 387 22.91 18.02 -2.93
N ALA B 388 21.80 17.33 -2.67
CA ALA B 388 21.22 17.34 -1.33
C ALA B 388 22.17 16.67 -0.37
N VAL B 389 22.77 15.57 -0.81
CA VAL B 389 23.75 14.85 0.02
C VAL B 389 24.97 15.79 0.25
N ALA B 390 25.40 16.46 -0.80
CA ALA B 390 26.54 17.36 -0.69
C ALA B 390 26.28 18.41 0.40
N SER B 391 25.03 18.83 0.51
CA SER B 391 24.60 19.84 1.49
C SER B 391 24.79 19.51 2.95
N VAL B 392 24.96 18.25 3.26
CA VAL B 392 25.09 17.86 4.64
C VAL B 392 26.41 17.15 4.89
N THR B 393 27.45 17.55 4.16
CA THR B 393 28.78 16.94 4.31
C THR B 393 29.86 17.98 4.67
#